data_7OAT
#
_entry.id   7OAT
#
_cell.length_a   54.258
_cell.length_b   69.622
_cell.length_c   140.175
_cell.angle_alpha   90.000
_cell.angle_beta   94.410
_cell.angle_gamma   90.000
#
_symmetry.space_group_name_H-M   'P 1 21 1'
#
loop_
_entity.id
_entity.type
_entity.pdbx_description
1 polymer 'Tether containing UBX domain for GLUT4'
2 polymer 'Transitional endoplasmic reticulum ATPase'
3 polymer 'Protein-lysine methyltransferase METTL21D'
4 non-polymer 1,2-ETHANEDIOL
5 non-polymer "ADENOSINE-5'-TRIPHOSPHATE"
6 non-polymer 'MAGNESIUM ION'
7 non-polymer S-ADENOSYL-L-HOMOCYSTEINE
8 water water
#
loop_
_entity_poly.entity_id
_entity_poly.type
_entity_poly.pdbx_seq_one_letter_code
_entity_poly.pdbx_strand_id
1 'polypeptide(L)'
;GSVDREPVDREPVVCHPDLEERLQAWPAELPDEFFELTVDDVRRRLAQLKSERKRLEEAPLVTKAFREAQIKEKLERYPK
VALRVLFPDRYVLQGFFRPSETVGDLRDFVRSHLGNPELSFYLFITPPKTVLDDHTQTLFQANLFPAALVHLGAEEPAGV
YLEPGLLEHAISPSAADVLVARYMSRAAGS
;
A
2 'polypeptide(L)'
;GSASGADSKGDDLSTAILKQKNRPNRLIVDEAINEDNSVVSLSQPKMDELQLFRGDTVLLKGKKRREAVCIVLSDDTCSD
EKIRMNRVVRNNLRVRLGDVISIQPCPDVKYGKRIHVLPIDDTVEGITGNLFEVYLKPYFLEAYRPIRKGDIFLVRGGMR
AVEFKVVETDPSPYCIVAPDTVIHCEGEPIKREDEEESLNEVGYDDIGGCRKQLAQIKEMVELPLRHPALFKAIGVKPPR
GILLYGPPGTGKTLIARAVANETGAFFFLINGPEIMSKLAGESESNLRKAFEEAEKNAPAIIFIDELDAIAPKRE(M3L)
THGEVERRIVSQLLTLMDGLKQRAHVIVMAATNRPNSIDPALRRFGRFDREVDIGIPDATGRLEILQIHTKNMKLADDVD
LEQVANETHGHVGADLAALCSEAALQAIRKKMDLIDLEDETIDAEVMNSLAVTMDDFRWALSQSNPSALRETVVEVPQVT
WEDIG
;
B
3 'polypeptide(L)'
;GSSLEDPLRSFVRVLEKRDGTVLRLQQYSSGGVGCVVWDAAIVLSKYLETPEFSGDGAHALSRRSVLELGSGTGAVGLMA
ATLGADVVVTDLEELQDLLKMNINMNKHLVTGSVQAKVLKWGEEIEGFPSPPDFILMADCIYYEESLEPLLKTLKDISGF
ETCIICCYEQRTMGKNPEIEKKYFELLQLDFDFEKIPLEKHDEEYRSEDIHIIYIRKKKSKFPS
;
C
#
loop_
_chem_comp.id
_chem_comp.type
_chem_comp.name
_chem_comp.formula
ATP non-polymer ADENOSINE-5'-TRIPHOSPHATE 'C10 H16 N5 O13 P3'
EDO non-polymer 1,2-ETHANEDIOL 'C2 H6 O2'
MG non-polymer 'MAGNESIUM ION' 'Mg 2'
SAH non-polymer S-ADENOSYL-L-HOMOCYSTEINE 'C14 H20 N6 O5 S'
#
# COMPACT_ATOMS: atom_id res chain seq x y z
N ASP A 9 -7.56 34.55 37.18
CA ASP A 9 -7.43 35.75 36.35
C ASP A 9 -7.23 35.39 34.87
N ARG A 10 -7.62 36.30 33.98
CA ARG A 10 -7.49 36.07 32.54
C ARG A 10 -6.17 36.63 31.99
N GLU A 11 -5.68 37.75 32.57
CA GLU A 11 -4.48 38.43 32.07
C GLU A 11 -4.68 38.85 30.61
N PRO A 12 -5.60 39.81 30.37
CA PRO A 12 -5.97 40.12 28.98
C PRO A 12 -4.97 40.98 28.23
N VAL A 13 -4.71 40.62 26.96
CA VAL A 13 -3.83 41.38 26.07
C VAL A 13 -4.39 41.40 24.65
N VAL A 14 -4.07 42.45 23.88
CA VAL A 14 -4.55 42.57 22.51
C VAL A 14 -3.35 42.72 21.56
N CYS A 15 -3.32 41.95 20.47
CA CYS A 15 -2.21 42.05 19.51
C CYS A 15 -2.69 42.16 18.06
N HIS A 16 -1.85 42.74 17.20
CA HIS A 16 -2.18 42.93 15.79
C HIS A 16 -0.93 42.74 14.93
N PRO A 17 -1.06 42.04 13.77
CA PRO A 17 0.14 41.75 12.96
C PRO A 17 0.91 42.98 12.46
N ASP A 18 0.25 44.15 12.36
CA ASP A 18 0.92 45.37 11.92
C ASP A 18 1.72 46.01 13.06
N LEU A 19 2.30 45.19 13.93
CA LEU A 19 3.12 45.66 15.06
C LEU A 19 4.36 44.75 15.27
N GLU A 20 4.69 43.88 14.29
CA GLU A 20 5.77 42.89 14.40
C GLU A 20 7.18 43.48 14.52
N GLU A 21 7.31 44.82 14.41
CA GLU A 21 8.59 45.53 14.54
C GLU A 21 9.57 45.28 13.35
N ARG A 22 10.17 44.07 13.28
CA ARG A 22 11.13 43.75 12.21
C ARG A 22 10.61 42.63 11.29
N LEU A 23 11.19 42.53 10.08
CA LEU A 23 10.80 41.53 9.09
C LEU A 23 11.04 40.10 9.61
N TRP A 26 10.17 35.74 4.86
CA TRP A 26 10.84 34.98 3.81
C TRP A 26 11.69 33.85 4.39
N PRO A 27 11.11 32.65 4.55
CA PRO A 27 11.89 31.54 5.11
C PRO A 27 12.99 31.07 4.16
N ALA A 28 14.09 30.54 4.70
CA ALA A 28 15.20 30.10 3.87
C ALA A 28 14.90 28.78 3.19
N GLU A 29 15.37 28.61 1.95
CA GLU A 29 15.17 27.37 1.20
C GLU A 29 16.04 26.26 1.79
N LEU A 30 15.50 25.04 1.87
CA LEU A 30 16.25 23.92 2.43
C LEU A 30 16.91 23.09 1.32
N PRO A 31 18.10 22.53 1.59
CA PRO A 31 18.76 21.70 0.57
C PRO A 31 18.00 20.42 0.29
N ASP A 32 18.24 19.79 -0.86
CA ASP A 32 17.59 18.54 -1.21
C ASP A 32 18.05 17.35 -0.32
N GLU A 33 19.18 17.53 0.40
CA GLU A 33 19.68 16.50 1.33
C GLU A 33 18.82 16.45 2.61
N PHE A 34 18.17 17.57 2.96
CA PHE A 34 17.29 17.66 4.13
C PHE A 34 16.06 16.75 3.96
N PHE A 35 15.57 16.63 2.72
CA PHE A 35 14.38 15.82 2.44
C PHE A 35 14.72 14.36 2.01
N GLU A 36 16.01 14.01 1.93
CA GLU A 36 16.42 12.66 1.56
C GLU A 36 16.31 11.73 2.76
N LEU A 37 15.47 10.70 2.65
CA LEU A 37 15.21 9.78 3.75
C LEU A 37 16.44 8.99 4.19
N THR A 38 16.59 8.82 5.49
CA THR A 38 17.68 8.04 6.05
C THR A 38 17.15 6.63 6.43
N VAL A 39 18.03 5.71 6.82
CA VAL A 39 17.62 4.38 7.25
C VAL A 39 16.79 4.45 8.56
N ASP A 40 17.10 5.42 9.44
CA ASP A 40 16.31 5.62 10.66
C ASP A 40 14.94 6.23 10.36
N ASP A 41 14.83 7.04 9.29
CA ASP A 41 13.54 7.59 8.88
C ASP A 41 12.66 6.47 8.36
N VAL A 42 13.23 5.53 7.60
CA VAL A 42 12.52 4.34 7.12
C VAL A 42 12.14 3.43 8.32
N ARG A 43 13.02 3.35 9.32
CA ARG A 43 12.78 2.59 10.54
C ARG A 43 11.58 3.16 11.32
N ARG A 44 11.51 4.50 11.42
CA ARG A 44 10.41 5.16 12.12
C ARG A 44 9.08 4.99 11.39
N ARG A 45 9.12 4.98 10.05
CA ARG A 45 7.91 4.77 9.24
C ARG A 45 7.37 3.36 9.44
N LEU A 46 8.27 2.36 9.58
CA LEU A 46 7.85 0.99 9.83
C LEU A 46 7.15 0.86 11.19
N ALA A 47 7.61 1.63 12.19
CA ALA A 47 6.99 1.62 13.51
C ALA A 47 5.57 2.21 13.46
N GLN A 48 5.35 3.22 12.60
CA GLN A 48 4.03 3.81 12.42
C GLN A 48 3.08 2.79 11.78
N LEU A 49 3.59 2.03 10.80
CA LEU A 49 2.79 1.02 10.09
C LEU A 49 2.46 -0.15 11.00
N LYS A 50 3.40 -0.55 11.85
CA LYS A 50 3.18 -1.65 12.78
C LYS A 50 2.24 -1.24 13.92
N SER A 51 2.35 0.02 14.37
CA SER A 51 1.49 0.54 15.44
C SER A 51 0.05 0.78 14.96
N GLU A 52 -0.12 1.11 13.68
CA GLU A 52 -1.45 1.31 13.11
C GLU A 52 -2.17 -0.04 12.99
N ARG A 53 -1.44 -1.11 12.66
CA ARG A 53 -1.99 -2.46 12.60
C ARG A 53 -2.39 -2.93 14.00
N LYS A 54 -1.57 -2.58 15.03
CA LYS A 54 -1.83 -2.90 16.43
C LYS A 54 -3.23 -2.43 16.87
N ARG A 55 -3.70 -1.31 16.31
CA ARG A 55 -5.04 -0.80 16.61
C ARG A 55 -6.10 -1.66 15.91
N LEU A 56 -6.46 -2.80 16.51
CA LEU A 56 -7.46 -3.69 15.93
C LEU A 56 -8.46 -4.19 17.00
N VAL A 62 -12.55 -1.30 25.17
CA VAL A 62 -12.44 -0.34 26.27
C VAL A 62 -13.82 0.12 26.77
N THR A 63 -14.01 0.17 28.10
CA THR A 63 -15.29 0.57 28.70
C THR A 63 -15.26 2.07 29.15
N LYS A 64 -16.38 2.57 29.74
CA LYS A 64 -16.47 3.96 30.20
C LYS A 64 -15.38 4.28 31.21
N ALA A 65 -15.11 3.33 32.13
CA ALA A 65 -14.10 3.53 33.19
C ALA A 65 -12.71 3.84 32.63
N PHE A 66 -12.34 3.23 31.50
CA PHE A 66 -11.03 3.48 30.89
C PHE A 66 -10.99 4.86 30.23
N ARG A 67 -12.10 5.27 29.61
CA ARG A 67 -12.18 6.58 28.97
C ARG A 67 -12.22 7.70 30.02
N GLU A 68 -12.83 7.44 31.19
CA GLU A 68 -12.86 8.41 32.28
C GLU A 68 -11.46 8.66 32.80
N ALA A 69 -10.65 7.60 32.94
CA ALA A 69 -9.27 7.72 33.40
C ALA A 69 -8.41 8.38 32.31
N GLN A 70 -8.67 8.05 31.04
CA GLN A 70 -7.96 8.65 29.91
C GLN A 70 -8.19 10.17 29.87
N ILE A 71 -9.43 10.61 30.16
CA ILE A 71 -9.78 12.02 30.18
C ILE A 71 -9.18 12.72 31.42
N LYS A 72 -9.28 12.08 32.60
CA LYS A 72 -8.74 12.66 33.84
C LYS A 72 -7.22 12.81 33.77
N GLU A 73 -6.52 11.82 33.21
CA GLU A 73 -5.07 11.87 33.06
C GLU A 73 -4.64 12.96 32.05
N LYS A 74 -5.48 13.21 31.05
CA LYS A 74 -5.21 14.25 30.04
C LYS A 74 -5.42 15.65 30.62
N LEU A 75 -6.43 15.80 31.50
CA LEU A 75 -6.73 17.09 32.13
C LEU A 75 -5.64 17.48 33.15
N GLU A 76 -5.02 16.48 33.79
CA GLU A 76 -3.94 16.73 34.76
C GLU A 76 -2.66 17.22 34.05
N ARG A 77 -2.44 16.82 32.77
CA ARG A 77 -1.27 17.22 32.00
C ARG A 77 -1.25 18.73 31.74
N TYR A 78 -2.39 19.29 31.35
CA TYR A 78 -2.47 20.72 31.03
C TYR A 78 -3.51 21.41 31.90
N PRO A 79 -3.13 21.84 33.11
CA PRO A 79 -4.11 22.53 33.96
C PRO A 79 -4.35 23.99 33.56
N LYS A 80 -3.55 24.53 32.62
CA LYS A 80 -3.70 25.91 32.18
C LYS A 80 -4.00 25.98 30.68
N VAL A 81 -4.83 26.95 30.26
CA VAL A 81 -5.25 27.10 28.87
C VAL A 81 -5.01 28.54 28.38
N ALA A 82 -4.62 28.70 27.10
CA ALA A 82 -4.43 30.01 26.50
C ALA A 82 -5.32 30.14 25.27
N LEU A 83 -6.26 31.09 25.28
CA LEU A 83 -7.19 31.26 24.16
C LEU A 83 -6.98 32.56 23.43
N ARG A 84 -7.28 32.57 22.13
CA ARG A 84 -7.12 33.77 21.31
C ARG A 84 -8.37 33.99 20.46
N VAL A 85 -9.02 35.15 20.63
CA VAL A 85 -10.19 35.48 19.83
C VAL A 85 -9.81 36.35 18.66
N LEU A 86 -9.89 35.80 17.46
CA LEU A 86 -9.52 36.51 16.23
C LEU A 86 -10.69 37.33 15.69
N PHE A 87 -10.64 38.64 15.88
CA PHE A 87 -11.68 39.56 15.41
C PHE A 87 -11.59 39.74 13.89
N PRO A 88 -12.70 40.12 13.23
CA PRO A 88 -12.67 40.29 11.76
C PRO A 88 -11.69 41.38 11.30
N ASP A 89 -11.38 42.36 12.17
CA ASP A 89 -10.42 43.42 11.80
C ASP A 89 -8.96 43.04 12.16
N ARG A 90 -8.66 41.72 12.16
CA ARG A 90 -7.32 41.16 12.39
C ARG A 90 -6.75 41.41 13.81
N TYR A 91 -7.58 41.89 14.75
CA TYR A 91 -7.14 42.06 16.14
C TYR A 91 -7.32 40.75 16.90
N VAL A 92 -6.44 40.48 17.88
CA VAL A 92 -6.52 39.23 18.65
C VAL A 92 -6.65 39.50 20.15
N LEU A 93 -7.75 39.02 20.77
CA LEU A 93 -7.94 39.17 22.20
C LEU A 93 -7.48 37.90 22.93
N GLN A 94 -6.37 37.98 23.67
CA GLN A 94 -5.78 36.83 24.32
C GLN A 94 -6.12 36.76 25.81
N GLY A 95 -6.58 35.59 26.26
CA GLY A 95 -6.91 35.37 27.66
C GLY A 95 -6.53 33.98 28.14
N PHE A 96 -6.32 33.84 29.45
CA PHE A 96 -5.91 32.57 30.04
C PHE A 96 -7.05 31.94 30.83
N PHE A 97 -7.39 30.68 30.52
CA PHE A 97 -8.52 29.99 31.13
C PHE A 97 -8.10 28.64 31.76
N ARG A 98 -9.06 27.92 32.37
CA ARG A 98 -8.84 26.57 32.90
C ARG A 98 -9.72 25.57 32.11
N PRO A 99 -9.28 24.31 31.94
CA PRO A 99 -10.08 23.36 31.12
C PRO A 99 -11.49 23.11 31.66
N SER A 100 -11.68 23.27 32.98
CA SER A 100 -12.99 23.07 33.59
C SER A 100 -13.98 24.22 33.28
N GLU A 101 -13.48 25.37 32.80
CA GLU A 101 -14.34 26.50 32.43
C GLU A 101 -15.10 26.21 31.13
N THR A 102 -16.25 26.84 30.93
CA THR A 102 -17.09 26.57 29.77
C THR A 102 -16.92 27.62 28.63
N VAL A 103 -17.52 27.34 27.44
CA VAL A 103 -17.53 28.29 26.32
C VAL A 103 -18.28 29.60 26.71
N GLY A 104 -19.24 29.49 27.64
CA GLY A 104 -19.95 30.65 28.16
C GLY A 104 -19.04 31.60 28.91
N ASP A 105 -18.02 31.06 29.60
CA ASP A 105 -17.03 31.88 30.30
C ASP A 105 -16.14 32.64 29.30
N LEU A 106 -15.85 32.02 28.14
CA LEU A 106 -15.09 32.66 27.07
C LEU A 106 -15.92 33.80 26.44
N ARG A 107 -17.26 33.61 26.34
CA ARG A 107 -18.16 34.65 25.83
C ARG A 107 -18.20 35.85 26.77
N ASP A 108 -18.21 35.60 28.09
CA ASP A 108 -18.21 36.67 29.08
C ASP A 108 -16.91 37.47 29.01
N PHE A 109 -15.78 36.77 28.79
CA PHE A 109 -14.48 37.41 28.65
C PHE A 109 -14.45 38.34 27.43
N VAL A 110 -15.03 37.89 26.32
CA VAL A 110 -15.09 38.71 25.11
C VAL A 110 -16.01 39.92 25.32
N ARG A 111 -17.17 39.70 25.97
CA ARG A 111 -18.12 40.77 26.24
C ARG A 111 -17.51 41.84 27.17
N SER A 112 -16.59 41.43 28.07
CA SER A 112 -15.92 42.34 28.99
C SER A 112 -15.12 43.39 28.23
N HIS A 113 -14.48 42.99 27.13
CA HIS A 113 -13.63 43.88 26.34
C HIS A 113 -14.31 44.30 25.03
N LEU A 114 -15.63 44.42 25.03
CA LEU A 114 -16.37 44.85 23.84
C LEU A 114 -16.72 46.33 23.93
N GLY A 115 -16.64 47.04 22.80
CA GLY A 115 -17.06 48.44 22.72
C GLY A 115 -18.56 48.56 22.96
N ASN A 116 -19.33 47.62 22.42
CA ASN A 116 -20.75 47.52 22.68
C ASN A 116 -21.00 46.22 23.44
N PRO A 117 -21.12 46.30 24.78
CA PRO A 117 -21.26 45.06 25.57
C PRO A 117 -22.62 44.36 25.42
N GLU A 118 -23.45 44.80 24.46
CA GLU A 118 -24.74 44.15 24.20
C GLU A 118 -24.87 43.67 22.73
N LEU A 119 -23.73 43.49 22.04
CA LEU A 119 -23.70 43.06 20.64
C LEU A 119 -24.00 41.55 20.52
N SER A 120 -24.79 41.17 19.51
CA SER A 120 -25.07 39.75 19.26
C SER A 120 -23.94 39.14 18.42
N PHE A 121 -23.00 38.47 19.08
CA PHE A 121 -21.86 37.87 18.38
C PHE A 121 -21.86 36.34 18.50
N TYR A 122 -20.97 35.67 17.76
CA TYR A 122 -20.83 34.22 17.84
C TYR A 122 -19.36 33.81 17.69
N LEU A 123 -18.97 32.75 18.38
CA LEU A 123 -17.59 32.25 18.32
C LEU A 123 -17.56 30.93 17.55
N PHE A 124 -16.58 30.77 16.66
CA PHE A 124 -16.52 29.57 15.83
C PHE A 124 -15.09 29.14 15.53
N ILE A 125 -14.88 27.84 15.25
CA ILE A 125 -13.57 27.32 14.91
C ILE A 125 -13.54 26.82 13.46
N THR A 126 -12.46 27.14 12.72
CA THR A 126 -12.35 26.77 11.31
C THR A 126 -11.03 26.04 11.02
N PRO A 127 -10.93 25.27 9.91
CA PRO A 127 -11.94 25.06 8.87
C PRO A 127 -12.64 23.69 8.99
N PRO A 128 -13.93 23.61 8.62
CA PRO A 128 -14.81 24.69 8.17
C PRO A 128 -15.47 25.41 9.36
N LYS A 129 -16.45 26.29 9.08
CA LYS A 129 -17.15 27.02 10.14
C LYS A 129 -17.85 26.07 11.11
N THR A 130 -17.37 26.03 12.37
CA THR A 130 -17.95 25.19 13.40
C THR A 130 -18.33 26.06 14.61
N VAL A 131 -19.57 26.55 14.64
CA VAL A 131 -20.05 27.45 15.69
C VAL A 131 -20.06 26.75 17.06
N LEU A 132 -19.66 27.49 18.11
CA LEU A 132 -19.70 26.96 19.47
C LEU A 132 -21.05 27.33 20.12
N ASP A 133 -22.12 26.58 19.76
CA ASP A 133 -23.48 26.86 20.25
C ASP A 133 -23.65 26.47 21.71
N ASP A 134 -23.10 25.32 22.10
CA ASP A 134 -23.22 24.86 23.48
C ASP A 134 -22.36 25.72 24.42
N HIS A 135 -23.00 26.68 25.11
CA HIS A 135 -22.28 27.54 26.06
C HIS A 135 -21.93 26.80 27.36
N THR A 136 -22.71 25.76 27.70
CA THR A 136 -22.46 24.95 28.89
C THR A 136 -21.30 23.94 28.69
N GLN A 137 -20.87 23.74 27.43
CA GLN A 137 -19.79 22.82 27.10
C GLN A 137 -18.46 23.38 27.55
N THR A 138 -17.68 22.59 28.29
CA THR A 138 -16.37 23.04 28.79
C THR A 138 -15.34 23.17 27.65
N LEU A 139 -14.24 23.88 27.90
CA LEU A 139 -13.18 24.04 26.90
C LEU A 139 -12.49 22.71 26.59
N PHE A 140 -12.45 21.78 27.56
CA PHE A 140 -11.84 20.47 27.36
C PHE A 140 -12.65 19.64 26.36
N GLN A 141 -13.98 19.67 26.47
CA GLN A 141 -14.86 18.94 25.56
C GLN A 141 -14.83 19.55 24.16
N ALA A 142 -14.79 20.89 24.08
CA ALA A 142 -14.76 21.61 22.81
C ALA A 142 -13.37 21.58 22.14
N ASN A 143 -12.39 20.84 22.74
CA ASN A 143 -11.02 20.74 22.23
C ASN A 143 -10.36 22.11 22.10
N LEU A 144 -10.68 23.02 23.02
CA LEU A 144 -10.12 24.35 23.06
C LEU A 144 -8.95 24.38 24.04
N PHE A 145 -8.08 23.36 23.96
CA PHE A 145 -6.96 23.23 24.88
C PHE A 145 -5.76 22.52 24.21
N PRO A 146 -4.53 22.80 24.67
CA PRO A 146 -4.15 23.78 25.68
C PRO A 146 -4.09 25.21 25.12
N ALA A 147 -3.90 25.35 23.82
CA ALA A 147 -3.89 26.65 23.16
C ALA A 147 -4.76 26.57 21.93
N ALA A 148 -5.79 27.41 21.83
CA ALA A 148 -6.72 27.35 20.69
C ALA A 148 -6.96 28.72 20.08
N LEU A 149 -7.19 28.75 18.76
CA LEU A 149 -7.47 29.98 18.05
C LEU A 149 -8.93 30.01 17.60
N VAL A 150 -9.76 30.82 18.27
CA VAL A 150 -11.18 30.87 17.97
C VAL A 150 -11.53 32.16 17.23
N HIS A 151 -12.30 32.05 16.14
CA HIS A 151 -12.72 33.21 15.36
C HIS A 151 -13.97 33.88 15.96
N LEU A 152 -14.23 35.15 15.60
CA LEU A 152 -15.41 35.85 16.08
C LEU A 152 -16.23 36.41 14.90
N GLY A 153 -17.53 36.20 14.96
CA GLY A 153 -18.45 36.72 13.97
C GLY A 153 -19.54 37.57 14.60
N ALA A 154 -20.16 38.45 13.80
CA ALA A 154 -21.21 39.32 14.31
C ALA A 154 -22.42 39.35 13.39
N GLU A 155 -23.62 39.46 13.97
CA GLU A 155 -24.84 39.51 13.19
C GLU A 155 -24.89 40.80 12.39
N GLU A 156 -24.56 41.92 13.02
CA GLU A 156 -24.49 43.21 12.35
C GLU A 156 -23.08 43.79 12.52
N PRO A 157 -22.17 43.44 11.58
CA PRO A 157 -20.75 43.82 11.77
C PRO A 157 -20.48 45.32 11.87
N ALA A 158 -19.83 45.74 12.96
CA ALA A 158 -19.43 47.14 13.14
C ALA A 158 -17.94 47.21 13.44
N GLY A 159 -17.25 48.16 12.81
CA GLY A 159 -15.80 48.32 12.93
C GLY A 159 -15.28 48.50 14.34
N VAL A 160 -16.16 48.93 15.28
CA VAL A 160 -15.74 49.16 16.67
C VAL A 160 -15.16 47.88 17.34
N TYR A 161 -15.98 46.81 17.44
CA TYR A 161 -15.56 45.54 18.04
C TYR A 161 -14.94 45.72 19.46
N LEU A 162 -13.59 45.74 19.58
CA LEU A 162 -12.93 45.92 20.88
C LEU A 162 -13.11 47.36 21.38
N GLU A 163 -13.00 47.58 22.71
CA GLU A 163 -13.09 48.92 23.27
C GLU A 163 -11.84 49.72 22.96
N PRO A 164 -11.99 51.02 22.65
CA PRO A 164 -10.83 51.83 22.21
C PRO A 164 -9.68 51.88 23.23
N GLY A 165 -10.00 51.72 24.51
CA GLY A 165 -8.99 51.76 25.57
C GLY A 165 -7.99 50.62 25.49
N LEU A 166 -8.46 49.43 25.11
CA LEU A 166 -7.58 48.27 24.99
C LEU A 166 -6.66 48.35 23.77
N LEU A 167 -7.14 48.97 22.68
CA LEU A 167 -6.37 49.11 21.44
C LEU A 167 -5.13 50.02 21.61
N GLU A 168 -5.14 50.90 22.62
CA GLU A 168 -4.01 51.78 22.87
C GLU A 168 -2.84 51.02 23.49
N HIS A 169 -3.11 50.00 24.31
CA HIS A 169 -2.07 49.20 24.93
C HIS A 169 -1.86 47.88 24.18
N ALA A 170 -2.01 47.90 22.85
CA ALA A 170 -1.85 46.69 22.05
C ALA A 170 -0.39 46.34 21.85
N ILE A 171 -0.03 45.08 22.09
CA ILE A 171 1.34 44.62 21.92
C ILE A 171 1.54 43.90 20.54
N SER A 172 2.78 43.53 20.21
CA SER A 172 3.06 42.83 18.96
C SER A 172 2.67 41.35 19.06
N PRO A 173 2.41 40.67 17.91
CA PRO A 173 2.06 39.23 17.99
C PRO A 173 3.22 38.38 18.53
N SER A 174 4.47 38.83 18.31
CA SER A 174 5.65 38.13 18.82
C SER A 174 5.73 38.24 20.35
N ALA A 175 5.31 39.40 20.90
CA ALA A 175 5.29 39.59 22.35
C ALA A 175 4.19 38.74 23.00
N ALA A 176 3.07 38.52 22.29
CA ALA A 176 2.00 37.67 22.77
C ALA A 176 2.47 36.22 22.89
N ASP A 177 3.35 35.78 21.96
CA ASP A 177 3.93 34.43 22.01
C ASP A 177 4.86 34.26 23.23
N VAL A 178 5.49 35.36 23.68
CA VAL A 178 6.32 35.37 24.88
C VAL A 178 5.45 35.25 26.13
N LEU A 179 4.28 35.91 26.12
CA LEU A 179 3.34 35.89 27.24
C LEU A 179 2.75 34.50 27.47
N VAL A 180 2.45 33.75 26.39
CA VAL A 180 1.87 32.40 26.54
C VAL A 180 2.94 31.39 26.96
N ALA A 181 4.16 31.51 26.41
CA ALA A 181 5.25 30.59 26.77
C ALA A 181 5.65 30.76 28.22
N ARG A 182 5.68 32.02 28.70
CA ARG A 182 6.00 32.32 30.10
C ARG A 182 4.90 31.79 31.03
N TYR A 183 3.64 31.97 30.65
CA TYR A 183 2.50 31.55 31.44
C TYR A 183 2.41 30.02 31.54
N MET A 184 2.68 29.32 30.43
CA MET A 184 2.63 27.85 30.43
C MET A 184 3.84 27.22 31.15
N SER A 185 4.97 27.95 31.22
CA SER A 185 6.16 27.44 31.89
C SER A 185 6.00 27.49 33.41
N ARG A 186 5.42 28.58 33.93
CA ARG A 186 5.23 28.73 35.36
C ARG A 186 3.90 28.11 35.81
N PRO B 24 12.34 24.54 11.17
CA PRO B 24 13.17 23.54 10.48
C PRO B 24 13.00 22.13 11.08
N ASN B 25 11.76 21.74 11.38
CA ASN B 25 11.50 20.42 11.96
C ASN B 25 11.00 19.43 10.92
N ARG B 26 11.68 18.26 10.82
CA ARG B 26 11.31 17.22 9.85
C ARG B 26 10.20 16.32 10.38
N LEU B 27 9.16 16.10 9.58
CA LEU B 27 8.07 15.22 9.96
C LEU B 27 7.78 14.19 8.86
N ILE B 28 7.20 13.04 9.24
CA ILE B 28 6.91 11.98 8.29
C ILE B 28 5.42 12.01 7.89
N VAL B 29 5.15 12.03 6.58
CA VAL B 29 3.78 12.11 6.06
C VAL B 29 2.97 10.83 6.31
N ASP B 30 1.74 10.98 6.84
CA ASP B 30 0.80 9.87 7.06
C ASP B 30 -0.64 10.30 6.65
N GLU B 31 -1.57 9.34 6.53
CA GLU B 31 -2.96 9.65 6.14
C GLU B 31 -3.63 10.55 7.15
N ALA B 32 -4.54 11.40 6.70
CA ALA B 32 -5.24 12.32 7.59
C ALA B 32 -6.50 11.72 8.15
N ILE B 33 -6.84 12.07 9.39
CA ILE B 33 -8.09 11.66 10.00
C ILE B 33 -9.17 12.72 9.67
N ASN B 34 -8.78 14.01 9.78
CA ASN B 34 -9.65 15.12 9.41
C ASN B 34 -9.76 15.22 7.88
N GLU B 35 -10.97 15.09 7.34
CA GLU B 35 -11.19 15.08 5.90
C GLU B 35 -11.05 16.46 5.22
N ASP B 36 -11.00 17.54 6.01
CA ASP B 36 -10.91 18.89 5.44
C ASP B 36 -9.60 19.09 4.67
N ASN B 37 -9.68 19.82 3.54
CA ASN B 37 -8.52 20.05 2.68
C ASN B 37 -7.45 20.90 3.37
N SER B 38 -7.86 21.95 4.07
CA SER B 38 -6.93 22.87 4.70
C SER B 38 -6.40 22.41 6.06
N VAL B 39 -6.73 21.17 6.48
CA VAL B 39 -6.34 20.70 7.81
C VAL B 39 -5.19 19.70 7.79
N VAL B 40 -4.16 19.95 8.62
CA VAL B 40 -3.08 19.00 8.85
C VAL B 40 -3.02 18.67 10.34
N SER B 41 -2.84 17.40 10.69
CA SER B 41 -2.83 16.97 12.08
C SER B 41 -1.42 16.79 12.64
N LEU B 42 -1.22 17.16 13.89
CA LEU B 42 0.07 17.03 14.56
C LEU B 42 -0.12 16.57 16.01
N SER B 43 0.88 15.87 16.56
CA SER B 43 0.78 15.40 17.95
C SER B 43 0.83 16.58 18.92
N GLN B 44 0.18 16.45 20.08
CA GLN B 44 0.15 17.52 21.06
C GLN B 44 1.56 17.91 21.58
N PRO B 45 2.44 16.94 21.94
CA PRO B 45 3.78 17.32 22.40
C PRO B 45 4.60 18.05 21.32
N LYS B 46 4.38 17.71 20.03
CA LYS B 46 5.08 18.38 18.93
C LYS B 46 4.56 19.82 18.74
N MET B 47 3.26 20.05 19.02
CA MET B 47 2.68 21.39 18.96
C MET B 47 3.20 22.28 20.09
N ASP B 48 3.46 21.68 21.26
CA ASP B 48 4.08 22.40 22.38
C ASP B 48 5.55 22.71 22.06
N GLU B 49 6.24 21.75 21.40
CA GLU B 49 7.63 21.91 20.98
C GLU B 49 7.76 23.02 19.91
N LEU B 50 6.77 23.13 19.02
CA LEU B 50 6.77 24.14 17.96
C LEU B 50 6.07 25.47 18.39
N GLN B 51 5.51 25.52 19.63
CA GLN B 51 4.77 26.68 20.14
C GLN B 51 3.63 27.07 19.20
N LEU B 52 2.86 26.08 18.75
CA LEU B 52 1.78 26.32 17.81
C LEU B 52 0.42 26.33 18.51
N PHE B 53 -0.51 27.13 17.98
CA PHE B 53 -1.88 27.19 18.50
C PHE B 53 -2.78 26.26 17.68
N ARG B 54 -3.79 25.65 18.33
CA ARG B 54 -4.72 24.79 17.62
C ARG B 54 -5.61 25.63 16.74
N GLY B 55 -5.32 25.66 15.45
CA GLY B 55 -6.02 26.51 14.50
C GLY B 55 -5.13 27.54 13.84
N ASP B 56 -3.83 27.59 14.25
CA ASP B 56 -2.86 28.52 13.68
C ASP B 56 -2.44 28.10 12.26
N THR B 57 -1.83 29.03 11.51
CA THR B 57 -1.41 28.73 10.14
C THR B 57 0.04 28.24 10.10
N VAL B 58 0.28 27.14 9.39
CA VAL B 58 1.62 26.58 9.25
C VAL B 58 2.07 26.57 7.78
N LEU B 59 3.39 26.55 7.56
CA LEU B 59 3.93 26.52 6.20
C LEU B 59 4.63 25.20 5.95
N LEU B 60 4.12 24.43 4.99
CA LEU B 60 4.68 23.13 4.66
C LEU B 60 5.46 23.19 3.38
N LYS B 61 6.61 22.54 3.33
CA LYS B 61 7.42 22.47 2.12
C LYS B 61 8.12 21.13 1.98
N GLY B 62 8.30 20.69 0.74
CA GLY B 62 8.93 19.42 0.46
C GLY B 62 10.02 19.52 -0.58
N LYS B 63 10.22 18.44 -1.34
CA LYS B 63 11.24 18.41 -2.38
C LYS B 63 10.86 19.33 -3.55
N LYS B 64 11.88 19.90 -4.20
CA LYS B 64 11.70 20.73 -5.39
C LYS B 64 10.92 22.03 -5.15
N ARG B 65 11.23 22.76 -4.05
CA ARG B 65 10.69 24.10 -3.78
C ARG B 65 9.14 24.14 -3.65
N ARG B 66 8.47 22.98 -3.56
CA ARG B 66 7.01 22.96 -3.46
C ARG B 66 6.54 23.44 -2.10
N GLU B 67 5.49 24.28 -2.06
CA GLU B 67 5.02 24.88 -0.80
C GLU B 67 3.50 24.89 -0.69
N ALA B 68 2.98 24.96 0.54
CA ALA B 68 1.55 25.04 0.82
C ALA B 68 1.29 25.53 2.25
N VAL B 69 0.23 26.33 2.45
CA VAL B 69 -0.11 26.82 3.80
C VAL B 69 -1.36 26.13 4.31
N CYS B 70 -1.33 25.65 5.56
CA CYS B 70 -2.45 24.90 6.11
C CYS B 70 -2.81 25.33 7.56
N ILE B 71 -3.88 24.76 8.12
CA ILE B 71 -4.29 24.98 9.49
C ILE B 71 -3.91 23.75 10.30
N VAL B 72 -3.18 23.92 11.40
CA VAL B 72 -2.72 22.79 12.20
C VAL B 72 -3.67 22.45 13.35
N LEU B 73 -3.95 21.15 13.56
CA LEU B 73 -4.80 20.69 14.65
C LEU B 73 -4.10 19.58 15.45
N SER B 74 -4.39 19.48 16.76
CA SER B 74 -3.77 18.45 17.59
C SER B 74 -4.45 17.10 17.41
N ASP B 75 -3.71 16.01 17.68
CA ASP B 75 -4.26 14.65 17.53
C ASP B 75 -3.59 13.66 18.49
N ASP B 76 -4.38 12.83 19.18
CA ASP B 76 -3.85 11.84 20.12
C ASP B 76 -3.26 10.64 19.37
N THR B 77 -3.89 10.25 18.26
CA THR B 77 -3.41 9.14 17.42
C THR B 77 -2.05 9.49 16.79
N CYS B 78 -1.84 10.78 16.48
CA CYS B 78 -0.62 11.27 15.84
C CYS B 78 0.61 11.05 16.71
N SER B 79 1.68 10.52 16.12
CA SER B 79 2.94 10.34 16.82
C SER B 79 3.76 11.65 16.77
N ASP B 80 4.77 11.77 17.64
CA ASP B 80 5.57 12.99 17.71
C ASP B 80 6.28 13.34 16.40
N GLU B 81 6.79 12.35 15.69
CA GLU B 81 7.54 12.60 14.46
C GLU B 81 6.70 12.50 13.17
N LYS B 82 5.36 12.39 13.30
CA LYS B 82 4.50 12.27 12.10
C LYS B 82 3.51 13.43 11.94
N ILE B 83 3.08 13.68 10.68
CA ILE B 83 2.10 14.70 10.34
C ILE B 83 1.04 14.07 9.42
N ARG B 84 -0.24 14.40 9.65
CA ARG B 84 -1.31 13.82 8.86
C ARG B 84 -1.86 14.83 7.86
N MET B 85 -1.82 14.52 6.57
CA MET B 85 -2.37 15.40 5.54
C MET B 85 -3.17 14.63 4.50
N ASN B 86 -4.25 15.23 4.01
CA ASN B 86 -5.11 14.57 3.03
C ASN B 86 -4.55 14.67 1.61
N ARG B 87 -5.07 13.84 0.68
CA ARG B 87 -4.58 13.75 -0.70
C ARG B 87 -4.44 15.09 -1.39
N VAL B 88 -5.28 16.07 -1.02
CA VAL B 88 -5.20 17.41 -1.61
C VAL B 88 -3.84 18.06 -1.32
N VAL B 89 -3.43 18.07 -0.04
CA VAL B 89 -2.15 18.65 0.37
C VAL B 89 -0.97 17.84 -0.19
N ARG B 90 -1.11 16.52 -0.23
CA ARG B 90 -0.04 15.65 -0.73
C ARG B 90 0.21 15.88 -2.22
N ASN B 91 -0.85 16.09 -3.01
CA ASN B 91 -0.70 16.32 -4.44
C ASN B 91 -0.09 17.70 -4.74
N ASN B 92 -0.41 18.70 -3.91
CA ASN B 92 0.16 20.04 -4.07
C ASN B 92 1.62 20.07 -3.66
N LEU B 93 1.97 19.34 -2.59
CA LEU B 93 3.36 19.24 -2.15
C LEU B 93 4.18 18.21 -2.97
N ARG B 94 3.49 17.44 -3.86
CA ARG B 94 4.11 16.37 -4.66
C ARG B 94 4.75 15.31 -3.77
N VAL B 95 4.12 15.04 -2.60
CA VAL B 95 4.65 14.04 -1.68
C VAL B 95 3.75 12.82 -1.61
N ARG B 96 4.32 11.70 -1.23
CA ARG B 96 3.56 10.47 -1.02
C ARG B 96 3.63 10.10 0.48
N LEU B 97 2.98 9.00 0.89
CA LEU B 97 2.99 8.59 2.29
C LEU B 97 4.35 8.06 2.71
N GLY B 98 4.88 8.64 3.77
CA GLY B 98 6.20 8.28 4.27
C GLY B 98 7.27 9.30 3.96
N ASP B 99 6.93 10.31 3.14
CA ASP B 99 7.89 11.34 2.74
C ASP B 99 8.21 12.31 3.89
N VAL B 100 9.31 13.06 3.75
CA VAL B 100 9.73 14.02 4.76
C VAL B 100 9.37 15.43 4.34
N ILE B 101 8.72 16.21 5.24
CA ILE B 101 8.35 17.60 4.95
C ILE B 101 8.88 18.56 6.02
N SER B 102 8.92 19.87 5.71
CA SER B 102 9.37 20.87 6.66
C SER B 102 8.20 21.73 7.12
N ILE B 103 8.00 21.87 8.44
CA ILE B 103 6.91 22.66 8.98
C ILE B 103 7.43 23.82 9.83
N GLN B 104 6.75 24.97 9.79
CA GLN B 104 7.13 26.15 10.56
C GLN B 104 6.00 27.18 10.53
N PRO B 105 5.78 27.92 11.65
CA PRO B 105 4.69 28.93 11.64
C PRO B 105 5.02 30.08 10.69
N CYS B 106 4.07 30.42 9.82
CA CYS B 106 4.31 31.46 8.83
C CYS B 106 3.84 32.83 9.29
N PRO B 107 4.78 33.73 9.59
CA PRO B 107 4.40 35.07 10.03
C PRO B 107 4.57 36.09 8.88
N ASP B 108 3.46 36.67 8.35
CA ASP B 108 2.09 36.34 8.74
C ASP B 108 1.19 36.44 7.49
N VAL B 109 0.18 35.55 7.40
CA VAL B 109 -0.70 35.53 6.22
C VAL B 109 -1.67 36.71 6.25
N LYS B 110 -1.81 37.42 5.12
CA LYS B 110 -2.72 38.56 5.05
C LYS B 110 -4.03 38.17 4.39
N TYR B 111 -5.14 38.82 4.80
CA TYR B 111 -6.44 38.54 4.20
C TYR B 111 -6.47 38.95 2.73
N GLY B 112 -6.90 38.05 1.87
CA GLY B 112 -6.91 38.26 0.44
C GLY B 112 -7.87 39.34 -0.03
N LYS B 113 -7.44 40.14 -1.01
CA LYS B 113 -8.28 41.18 -1.60
C LYS B 113 -9.18 40.57 -2.69
N ARG B 114 -8.58 39.73 -3.58
CA ARG B 114 -9.32 39.08 -4.67
C ARG B 114 -8.58 37.84 -5.17
N ILE B 115 -9.28 36.71 -5.33
CA ILE B 115 -8.68 35.48 -5.85
C ILE B 115 -9.34 35.02 -7.15
N HIS B 116 -8.63 34.23 -7.95
CA HIS B 116 -9.15 33.71 -9.20
C HIS B 116 -9.01 32.19 -9.24
N VAL B 117 -10.13 31.49 -9.42
CA VAL B 117 -10.15 30.04 -9.38
C VAL B 117 -10.74 29.47 -10.68
N LEU B 118 -10.15 28.37 -11.20
CA LEU B 118 -10.65 27.74 -12.42
C LEU B 118 -10.66 26.21 -12.31
N PRO B 119 -11.74 25.55 -12.73
CA PRO B 119 -11.81 24.09 -12.60
C PRO B 119 -11.02 23.33 -13.67
N ILE B 120 -10.74 22.05 -13.41
CA ILE B 120 -10.02 21.19 -14.35
C ILE B 120 -10.98 20.66 -15.44
N ASP B 121 -10.50 20.53 -16.68
CA ASP B 121 -11.34 20.12 -17.80
C ASP B 121 -12.08 18.78 -17.57
N ASP B 122 -11.35 17.72 -17.17
CA ASP B 122 -11.95 16.40 -16.97
C ASP B 122 -12.92 16.35 -15.78
N THR B 123 -12.74 17.24 -14.80
CA THR B 123 -13.54 17.23 -13.59
C THR B 123 -14.94 17.87 -13.78
N VAL B 124 -15.12 18.67 -14.85
CA VAL B 124 -16.40 19.32 -15.10
C VAL B 124 -17.07 18.86 -16.41
N GLU B 125 -16.70 17.64 -16.89
CA GLU B 125 -17.29 17.11 -18.12
C GLU B 125 -18.77 16.77 -17.90
N GLY B 126 -19.64 17.52 -18.56
CA GLY B 126 -21.08 17.31 -18.46
C GLY B 126 -21.79 18.22 -17.47
N ILE B 127 -21.09 19.25 -16.97
CA ILE B 127 -21.68 20.18 -16.03
C ILE B 127 -21.48 21.63 -16.47
N THR B 128 -22.56 22.42 -16.47
CA THR B 128 -22.52 23.81 -16.91
C THR B 128 -23.28 24.69 -15.93
N GLY B 129 -22.83 25.93 -15.75
CA GLY B 129 -23.55 26.88 -14.91
C GLY B 129 -22.73 27.53 -13.82
N ASN B 130 -23.43 28.06 -12.80
CA ASN B 130 -22.79 28.78 -11.71
C ASN B 130 -22.03 27.84 -10.79
N LEU B 131 -20.73 27.63 -11.09
CA LEU B 131 -19.89 26.79 -10.23
C LEU B 131 -19.51 27.49 -8.91
N PHE B 132 -19.73 28.81 -8.81
CA PHE B 132 -19.45 29.55 -7.59
C PHE B 132 -20.53 29.27 -6.54
N GLU B 133 -21.80 29.44 -6.90
CA GLU B 133 -22.90 29.20 -5.96
C GLU B 133 -22.93 27.77 -5.47
N VAL B 134 -22.63 26.82 -6.34
CA VAL B 134 -22.66 25.41 -6.01
C VAL B 134 -21.44 24.98 -5.20
N TYR B 135 -20.23 25.31 -5.68
CA TYR B 135 -19.01 24.81 -5.06
C TYR B 135 -18.25 25.84 -4.23
N LEU B 136 -17.79 26.95 -4.85
CA LEU B 136 -16.90 27.90 -4.18
C LEU B 136 -17.53 28.63 -2.98
N LYS B 137 -18.72 29.23 -3.15
CA LYS B 137 -19.40 29.97 -2.09
C LYS B 137 -19.52 29.18 -0.77
N PRO B 138 -20.04 27.93 -0.78
CA PRO B 138 -20.14 27.18 0.49
C PRO B 138 -18.78 26.71 1.01
N TYR B 139 -17.85 26.37 0.11
CA TYR B 139 -16.53 25.86 0.49
C TYR B 139 -15.73 26.90 1.28
N PHE B 140 -15.62 28.12 0.76
CA PHE B 140 -14.87 29.19 1.42
C PHE B 140 -15.70 29.95 2.47
N LEU B 141 -17.04 29.79 2.46
CA LEU B 141 -17.96 30.54 3.33
C LEU B 141 -17.54 30.58 4.80
N GLU B 142 -17.05 31.76 5.24
CA GLU B 142 -16.65 32.00 6.63
C GLU B 142 -15.68 30.94 7.18
N ALA B 143 -14.83 30.37 6.30
CA ALA B 143 -13.88 29.35 6.72
C ALA B 143 -12.45 29.88 6.88
N TYR B 144 -12.14 31.07 6.31
CA TYR B 144 -10.81 31.69 6.41
C TYR B 144 -9.70 30.73 5.93
N ARG B 145 -9.93 30.05 4.80
CA ARG B 145 -8.99 29.06 4.29
C ARG B 145 -7.74 29.69 3.68
N PRO B 146 -6.55 29.21 4.07
CA PRO B 146 -5.33 29.76 3.48
C PRO B 146 -4.96 29.07 2.17
N ILE B 147 -4.99 29.83 1.07
CA ILE B 147 -4.68 29.27 -0.24
C ILE B 147 -3.47 29.95 -0.86
N ARG B 148 -2.55 29.16 -1.44
CA ARG B 148 -1.37 29.70 -2.12
C ARG B 148 -1.53 29.53 -3.63
N LYS B 149 -1.02 30.48 -4.43
CA LYS B 149 -1.10 30.40 -5.90
C LYS B 149 -0.59 29.04 -6.45
N GLY B 150 -1.33 28.49 -7.40
CA GLY B 150 -0.98 27.21 -8.01
C GLY B 150 -1.37 26.01 -7.17
N ASP B 151 -2.47 26.13 -6.43
CA ASP B 151 -2.95 25.07 -5.57
C ASP B 151 -4.13 24.36 -6.19
N ILE B 152 -4.13 23.03 -6.11
CA ILE B 152 -5.26 22.22 -6.55
C ILE B 152 -6.09 21.85 -5.35
N PHE B 153 -7.38 22.17 -5.34
CA PHE B 153 -8.25 21.81 -4.22
C PHE B 153 -9.53 21.10 -4.67
N LEU B 154 -10.09 20.27 -3.79
CA LEU B 154 -11.25 19.44 -4.14
C LEU B 154 -12.53 19.96 -3.44
N VAL B 155 -13.64 20.08 -4.21
CA VAL B 155 -14.93 20.47 -3.64
C VAL B 155 -16.03 19.48 -4.06
N ARG B 156 -16.64 18.79 -3.08
CA ARG B 156 -17.71 17.83 -3.39
C ARG B 156 -19.05 18.55 -3.59
N GLY B 157 -19.96 17.91 -4.32
CA GLY B 157 -21.28 18.48 -4.61
C GLY B 157 -21.75 18.18 -6.02
N GLY B 158 -23.06 18.30 -6.24
CA GLY B 158 -23.67 18.04 -7.54
C GLY B 158 -23.42 16.63 -8.03
N MET B 159 -23.37 15.66 -7.10
CA MET B 159 -23.13 14.24 -7.40
C MET B 159 -21.76 14.01 -8.03
N ARG B 160 -20.76 14.84 -7.68
CA ARG B 160 -19.40 14.69 -8.22
C ARG B 160 -18.37 15.50 -7.40
N ALA B 161 -17.08 15.20 -7.59
CA ALA B 161 -16.01 15.93 -6.92
C ALA B 161 -15.26 16.80 -7.93
N VAL B 162 -15.34 18.13 -7.78
CA VAL B 162 -14.72 19.05 -8.74
C VAL B 162 -13.38 19.62 -8.23
N GLU B 163 -12.31 19.47 -9.01
CA GLU B 163 -11.00 20.01 -8.67
C GLU B 163 -10.86 21.41 -9.23
N PHE B 164 -10.31 22.31 -8.44
CA PHE B 164 -10.10 23.69 -8.86
C PHE B 164 -8.62 24.07 -8.69
N LYS B 165 -8.15 25.04 -9.48
CA LYS B 165 -6.78 25.51 -9.36
C LYS B 165 -6.76 27.02 -9.24
N VAL B 166 -6.21 27.54 -8.13
CA VAL B 166 -6.15 28.99 -7.95
C VAL B 166 -5.11 29.62 -8.90
N VAL B 167 -5.59 30.09 -10.07
CA VAL B 167 -4.72 30.60 -11.12
C VAL B 167 -4.04 31.91 -10.75
N GLU B 168 -4.71 32.74 -9.94
CA GLU B 168 -4.17 34.04 -9.57
C GLU B 168 -4.66 34.47 -8.19
N THR B 169 -3.76 34.92 -7.33
CA THR B 169 -4.13 35.40 -5.99
C THR B 169 -3.63 36.82 -5.77
N ASP B 170 -4.34 37.59 -4.96
CA ASP B 170 -3.94 38.96 -4.63
C ASP B 170 -4.35 39.26 -3.18
N PRO B 171 -3.38 39.36 -2.24
CA PRO B 171 -1.91 39.35 -2.42
C PRO B 171 -1.34 38.00 -2.82
N SER B 172 -0.09 38.00 -3.30
CA SER B 172 0.57 36.78 -3.73
C SER B 172 1.85 36.54 -2.90
N PRO B 173 2.22 35.27 -2.66
CA PRO B 173 1.57 34.04 -3.13
C PRO B 173 0.52 33.48 -2.17
N TYR B 174 0.68 33.73 -0.86
CA TYR B 174 -0.26 33.20 0.13
C TYR B 174 -1.25 34.27 0.58
N CYS B 175 -2.51 33.88 0.73
CA CYS B 175 -3.57 34.76 1.22
C CYS B 175 -4.70 33.96 1.87
N ILE B 176 -5.42 34.58 2.80
CA ILE B 176 -6.54 33.91 3.47
C ILE B 176 -7.85 34.34 2.82
N VAL B 177 -8.71 33.37 2.46
CA VAL B 177 -10.01 33.70 1.86
C VAL B 177 -10.98 34.19 2.94
N ALA B 178 -10.91 35.49 3.25
CA ALA B 178 -11.73 36.12 4.27
C ALA B 178 -13.13 36.47 3.71
N PRO B 179 -14.08 36.93 4.56
CA PRO B 179 -15.42 37.27 4.04
C PRO B 179 -15.41 38.43 3.04
N ASP B 180 -14.37 39.29 3.09
CA ASP B 180 -14.26 40.42 2.17
C ASP B 180 -13.43 40.09 0.90
N THR B 181 -13.01 38.83 0.73
CA THR B 181 -12.23 38.44 -0.44
C THR B 181 -13.14 38.16 -1.64
N VAL B 182 -12.85 38.80 -2.77
CA VAL B 182 -13.64 38.60 -3.99
C VAL B 182 -13.25 37.30 -4.67
N ILE B 183 -14.17 36.33 -4.70
CA ILE B 183 -13.93 35.06 -5.38
C ILE B 183 -14.49 35.09 -6.79
N HIS B 184 -13.65 34.88 -7.80
CA HIS B 184 -14.08 34.91 -9.19
C HIS B 184 -13.77 33.60 -9.89
N CYS B 185 -14.75 33.05 -10.61
CA CYS B 185 -14.56 31.80 -11.34
C CYS B 185 -14.79 31.96 -12.86
N GLU B 186 -14.62 33.18 -13.38
CA GLU B 186 -14.80 33.43 -14.81
C GLU B 186 -13.73 32.72 -15.64
N GLY B 187 -14.07 32.40 -16.89
CA GLY B 187 -13.13 31.76 -17.80
C GLY B 187 -13.52 30.35 -18.20
N GLU B 188 -12.70 29.71 -19.02
CA GLU B 188 -12.94 28.34 -19.48
C GLU B 188 -12.13 27.34 -18.64
N PRO B 189 -12.66 26.12 -18.41
CA PRO B 189 -11.90 25.14 -17.61
C PRO B 189 -10.48 24.92 -18.12
N ILE B 190 -9.52 24.75 -17.20
CA ILE B 190 -8.11 24.63 -17.55
C ILE B 190 -7.68 23.18 -17.75
N LYS B 191 -6.61 22.98 -18.53
CA LYS B 191 -6.06 21.65 -18.75
C LYS B 191 -5.07 21.30 -17.65
N ARG B 192 -5.12 20.07 -17.13
CA ARG B 192 -4.23 19.65 -16.06
C ARG B 192 -2.89 19.14 -16.58
N GLU B 193 -1.81 19.44 -15.86
CA GLU B 193 -0.46 19.02 -16.26
C GLU B 193 -0.23 17.52 -15.98
N ASP B 194 0.85 16.95 -16.55
CA ASP B 194 1.18 15.54 -16.36
C ASP B 194 1.61 15.27 -14.91
N GLU B 195 2.33 16.22 -14.30
CA GLU B 195 2.76 16.08 -12.89
C GLU B 195 1.55 16.14 -11.94
N GLU B 196 0.50 16.87 -12.31
CA GLU B 196 -0.70 16.98 -11.50
C GLU B 196 -1.55 15.73 -11.65
N GLU B 197 -1.42 14.79 -10.72
CA GLU B 197 -2.20 13.56 -10.75
C GLU B 197 -3.62 13.80 -10.24
N SER B 198 -4.56 12.94 -10.65
CA SER B 198 -5.96 13.14 -10.30
C SER B 198 -6.27 12.81 -8.86
N LEU B 199 -7.12 13.63 -8.23
CA LEU B 199 -7.62 13.34 -6.89
C LEU B 199 -8.74 12.26 -6.94
N ASN B 200 -9.31 12.01 -8.14
CA ASN B 200 -10.29 10.95 -8.34
C ASN B 200 -9.60 9.56 -8.48
N GLU B 201 -8.24 9.53 -8.63
CA GLU B 201 -7.47 8.30 -8.74
C GLU B 201 -7.64 7.43 -7.48
N VAL B 202 -7.42 6.13 -7.61
CA VAL B 202 -7.63 5.21 -6.49
C VAL B 202 -6.58 5.37 -5.39
N GLY B 203 -7.05 5.59 -4.17
CA GLY B 203 -6.18 5.72 -3.01
C GLY B 203 -6.71 4.95 -1.81
N TYR B 204 -6.03 5.07 -0.66
CA TYR B 204 -6.46 4.36 0.56
C TYR B 204 -7.80 4.92 1.08
N ASP B 205 -8.06 6.21 0.87
CA ASP B 205 -9.33 6.85 1.27
C ASP B 205 -10.55 6.32 0.47
N ASP B 206 -10.31 5.57 -0.61
CA ASP B 206 -11.39 5.01 -1.42
C ASP B 206 -11.74 3.54 -1.00
N ILE B 207 -11.01 2.99 -0.01
CA ILE B 207 -11.23 1.60 0.44
C ILE B 207 -11.84 1.56 1.85
N GLY B 208 -12.88 0.75 2.01
CA GLY B 208 -13.54 0.60 3.31
C GLY B 208 -13.94 -0.82 3.60
N GLY B 209 -14.02 -1.16 4.87
CA GLY B 209 -14.42 -2.49 5.29
C GLY B 209 -13.24 -3.39 5.62
N CYS B 210 -12.09 -3.14 4.99
CA CYS B 210 -10.89 -3.95 5.23
C CYS B 210 -9.72 -3.06 5.64
N ARG B 211 -9.91 -2.22 6.66
CA ARG B 211 -8.85 -1.34 7.15
C ARG B 211 -7.71 -2.12 7.81
N LYS B 212 -8.03 -3.28 8.42
CA LYS B 212 -7.05 -4.15 9.05
C LYS B 212 -6.19 -4.82 7.98
N GLN B 213 -6.81 -5.23 6.87
CA GLN B 213 -6.12 -5.87 5.76
C GLN B 213 -5.25 -4.86 5.01
N LEU B 214 -5.69 -3.61 4.93
CA LEU B 214 -4.91 -2.55 4.28
C LEU B 214 -3.67 -2.22 5.09
N ALA B 215 -3.78 -2.25 6.43
CA ALA B 215 -2.64 -2.01 7.31
C ALA B 215 -1.64 -3.17 7.22
N GLN B 216 -2.14 -4.41 7.01
CA GLN B 216 -1.29 -5.59 6.83
C GLN B 216 -0.47 -5.43 5.56
N ILE B 217 -1.12 -5.01 4.46
CA ILE B 217 -0.45 -4.86 3.17
C ILE B 217 0.51 -3.69 3.15
N LYS B 218 0.11 -2.53 3.72
CA LYS B 218 0.98 -1.35 3.77
C LYS B 218 2.30 -1.65 4.48
N GLU B 219 2.25 -2.45 5.55
CA GLU B 219 3.43 -2.84 6.29
C GLU B 219 4.38 -3.71 5.44
N MET B 220 3.82 -4.51 4.52
CA MET B 220 4.59 -5.43 3.70
C MET B 220 5.24 -4.76 2.49
N VAL B 221 4.49 -3.88 1.77
CA VAL B 221 4.95 -3.43 0.44
C VAL B 221 5.37 -1.93 0.38
N GLU B 222 4.79 -1.06 1.22
CA GLU B 222 5.08 0.38 1.13
C GLU B 222 6.58 0.70 1.15
N LEU B 223 7.31 0.15 2.12
CA LEU B 223 8.74 0.43 2.25
C LEU B 223 9.62 -0.31 1.23
N PRO B 224 9.44 -1.64 0.99
CA PRO B 224 10.26 -2.32 -0.02
C PRO B 224 10.16 -1.70 -1.43
N LEU B 225 9.02 -1.08 -1.75
CA LEU B 225 8.83 -0.46 -3.07
C LEU B 225 9.52 0.91 -3.16
N ARG B 226 9.32 1.77 -2.15
CA ARG B 226 9.84 3.12 -2.19
C ARG B 226 11.32 3.18 -1.80
N HIS B 227 11.72 2.44 -0.78
CA HIS B 227 13.11 2.44 -0.33
C HIS B 227 13.64 1.02 -0.17
N PRO B 228 13.95 0.32 -1.29
CA PRO B 228 14.43 -1.07 -1.18
C PRO B 228 15.84 -1.17 -0.60
N ALA B 229 16.68 -0.13 -0.81
CA ALA B 229 18.04 -0.14 -0.31
C ALA B 229 18.05 0.12 1.20
N LEU B 230 17.23 1.08 1.66
CA LEU B 230 17.13 1.39 3.09
C LEU B 230 16.36 0.31 3.86
N PHE B 231 15.42 -0.38 3.18
CA PHE B 231 14.66 -1.47 3.80
C PHE B 231 15.54 -2.73 3.96
N LYS B 232 16.51 -2.92 3.05
CA LYS B 232 17.44 -4.04 3.12
C LYS B 232 18.35 -3.91 4.35
N ALA B 233 18.73 -2.66 4.70
CA ALA B 233 19.58 -2.40 5.86
C ALA B 233 18.85 -2.67 7.19
N ILE B 234 17.51 -2.50 7.20
CA ILE B 234 16.69 -2.76 8.39
C ILE B 234 16.85 -4.21 8.84
N GLY B 235 16.82 -5.12 7.89
CA GLY B 235 16.98 -6.55 8.17
C GLY B 235 15.76 -7.38 7.77
N VAL B 236 14.61 -6.74 7.60
CA VAL B 236 13.38 -7.43 7.23
C VAL B 236 13.44 -7.89 5.77
N LYS B 237 13.13 -9.17 5.52
CA LYS B 237 13.13 -9.70 4.16
C LYS B 237 11.89 -9.23 3.40
N PRO B 238 12.10 -8.53 2.28
CA PRO B 238 10.94 -8.01 1.52
C PRO B 238 10.19 -9.10 0.78
N PRO B 239 8.86 -8.95 0.62
CA PRO B 239 8.08 -9.99 -0.06
C PRO B 239 8.15 -9.88 -1.59
N ARG B 240 8.24 -11.03 -2.26
CA ARG B 240 8.24 -11.06 -3.73
C ARG B 240 6.80 -11.08 -4.25
N GLY B 241 5.94 -11.86 -3.59
CA GLY B 241 4.55 -12.00 -3.98
C GLY B 241 3.58 -12.04 -2.81
N ILE B 242 2.38 -11.48 -3.01
CA ILE B 242 1.36 -11.45 -1.96
C ILE B 242 0.04 -12.03 -2.48
N LEU B 243 -0.51 -13.01 -1.77
CA LEU B 243 -1.75 -13.68 -2.17
C LEU B 243 -2.98 -12.99 -1.58
N LEU B 244 -3.91 -12.58 -2.44
CA LEU B 244 -5.16 -11.96 -2.00
C LEU B 244 -6.31 -12.85 -2.37
N TYR B 245 -7.02 -13.41 -1.38
CA TYR B 245 -8.16 -14.27 -1.67
C TYR B 245 -9.46 -13.78 -1.06
N GLY B 246 -10.56 -14.08 -1.73
CA GLY B 246 -11.90 -13.63 -1.36
C GLY B 246 -12.86 -13.67 -2.55
N PRO B 247 -14.19 -13.56 -2.30
CA PRO B 247 -15.15 -13.64 -3.41
C PRO B 247 -15.02 -12.47 -4.41
N PRO B 248 -15.54 -12.62 -5.65
CA PRO B 248 -15.39 -11.52 -6.65
C PRO B 248 -16.07 -10.23 -6.22
N GLY B 249 -15.47 -9.10 -6.59
CA GLY B 249 -16.02 -7.79 -6.28
C GLY B 249 -15.81 -7.34 -4.85
N THR B 250 -14.84 -7.94 -4.16
CA THR B 250 -14.59 -7.62 -2.75
C THR B 250 -13.53 -6.51 -2.54
N GLY B 251 -12.82 -6.13 -3.61
CA GLY B 251 -11.87 -5.03 -3.53
C GLY B 251 -10.41 -5.41 -3.68
N LYS B 252 -10.13 -6.65 -4.12
CA LYS B 252 -8.73 -7.09 -4.31
C LYS B 252 -7.99 -6.22 -5.32
N THR B 253 -8.60 -5.98 -6.49
CA THR B 253 -8.01 -5.14 -7.53
C THR B 253 -7.91 -3.69 -7.06
N LEU B 254 -8.98 -3.20 -6.41
CA LEU B 254 -9.02 -1.84 -5.86
C LEU B 254 -7.87 -1.60 -4.88
N ILE B 255 -7.56 -2.59 -4.05
CA ILE B 255 -6.48 -2.49 -3.08
C ILE B 255 -5.12 -2.40 -3.78
N ALA B 256 -4.91 -3.20 -4.82
CA ALA B 256 -3.66 -3.18 -5.57
C ALA B 256 -3.44 -1.86 -6.31
N ARG B 257 -4.51 -1.33 -6.94
CA ARG B 257 -4.42 -0.06 -7.66
C ARG B 257 -4.10 1.07 -6.70
N ALA B 258 -4.73 1.06 -5.51
CA ALA B 258 -4.50 2.09 -4.50
C ALA B 258 -3.06 2.09 -3.99
N VAL B 259 -2.50 0.91 -3.73
CA VAL B 259 -1.12 0.81 -3.25
C VAL B 259 -0.14 1.26 -4.36
N ALA B 260 -0.44 0.91 -5.61
CA ALA B 260 0.40 1.30 -6.74
C ALA B 260 0.42 2.83 -6.94
N ASN B 261 -0.70 3.49 -6.66
CA ASN B 261 -0.79 4.94 -6.81
C ASN B 261 -0.16 5.64 -5.63
N GLU B 262 -0.40 5.14 -4.41
CA GLU B 262 0.09 5.79 -3.20
C GLU B 262 1.61 5.68 -3.02
N THR B 263 2.25 4.70 -3.66
CA THR B 263 3.70 4.53 -3.56
C THR B 263 4.44 4.90 -4.88
N GLY B 264 3.68 5.27 -5.92
CA GLY B 264 4.26 5.63 -7.21
C GLY B 264 4.72 4.43 -8.03
N ALA B 265 4.24 3.23 -7.69
CA ALA B 265 4.61 2.02 -8.39
C ALA B 265 3.80 1.87 -9.68
N PHE B 266 4.45 1.38 -10.73
CA PHE B 266 3.81 1.14 -12.02
C PHE B 266 2.88 -0.06 -11.90
N PHE B 267 1.62 0.09 -12.30
CA PHE B 267 0.64 -0.98 -12.18
C PHE B 267 0.48 -1.75 -13.49
N PHE B 268 0.59 -3.09 -13.44
CA PHE B 268 0.39 -3.91 -14.62
C PHE B 268 -0.65 -5.00 -14.33
N LEU B 269 -1.83 -4.92 -14.98
CA LEU B 269 -2.91 -5.87 -14.74
C LEU B 269 -2.88 -7.08 -15.69
N ILE B 270 -2.87 -8.29 -15.13
CA ILE B 270 -2.90 -9.53 -15.90
C ILE B 270 -4.15 -10.31 -15.55
N ASN B 271 -4.98 -10.65 -16.55
CA ASN B 271 -6.17 -11.45 -16.31
C ASN B 271 -5.88 -12.93 -16.56
N GLY B 272 -6.26 -13.78 -15.61
CA GLY B 272 -6.01 -15.22 -15.67
C GLY B 272 -6.61 -15.90 -16.89
N PRO B 273 -7.96 -16.02 -16.95
CA PRO B 273 -8.58 -16.69 -18.10
C PRO B 273 -8.34 -15.97 -19.43
N GLU B 274 -8.05 -14.66 -19.39
CA GLU B 274 -7.77 -13.88 -20.59
C GLU B 274 -6.45 -14.35 -21.23
N ILE B 275 -5.42 -14.56 -20.40
CA ILE B 275 -4.13 -15.04 -20.87
C ILE B 275 -4.23 -16.50 -21.31
N MET B 276 -4.92 -17.33 -20.52
CA MET B 276 -5.06 -18.76 -20.83
C MET B 276 -5.89 -19.00 -22.11
N SER B 277 -6.79 -18.07 -22.46
CA SER B 277 -7.60 -18.19 -23.67
C SER B 277 -6.74 -18.04 -24.93
N LYS B 278 -5.68 -17.21 -24.86
CA LYS B 278 -4.79 -17.01 -25.99
C LYS B 278 -4.03 -18.29 -26.33
N LEU B 279 -3.77 -18.52 -27.62
CA LEU B 279 -3.08 -19.72 -28.08
C LEU B 279 -1.71 -19.88 -27.43
N ALA B 280 -1.24 -21.13 -27.29
CA ALA B 280 0.07 -21.41 -26.69
C ALA B 280 1.19 -20.73 -27.48
N GLY B 281 2.13 -20.14 -26.78
CA GLY B 281 3.22 -19.40 -27.39
C GLY B 281 3.03 -17.91 -27.22
N GLU B 282 1.82 -17.42 -27.54
CA GLU B 282 1.49 -16.02 -27.36
C GLU B 282 1.23 -15.71 -25.89
N SER B 283 0.58 -16.64 -25.17
CA SER B 283 0.31 -16.47 -23.75
C SER B 283 1.60 -16.45 -22.93
N GLU B 284 2.61 -17.25 -23.35
CA GLU B 284 3.91 -17.26 -22.68
C GLU B 284 4.63 -15.94 -22.93
N SER B 285 4.65 -15.48 -24.20
CA SER B 285 5.32 -14.24 -24.56
C SER B 285 4.66 -13.01 -23.93
N ASN B 286 3.34 -13.08 -23.68
CA ASN B 286 2.62 -12.00 -23.01
C ASN B 286 3.04 -11.89 -21.54
N LEU B 287 3.33 -13.03 -20.90
CA LEU B 287 3.81 -13.05 -19.52
C LEU B 287 5.20 -12.43 -19.43
N ARG B 288 6.07 -12.72 -20.43
CA ARG B 288 7.41 -12.14 -20.47
C ARG B 288 7.34 -10.63 -20.60
N LYS B 289 6.43 -10.14 -21.46
CA LYS B 289 6.27 -8.70 -21.69
C LYS B 289 5.70 -8.00 -20.45
N ALA B 290 4.87 -8.70 -19.67
CA ALA B 290 4.30 -8.16 -18.45
C ALA B 290 5.39 -7.93 -17.39
N PHE B 291 6.33 -8.88 -17.29
CA PHE B 291 7.44 -8.76 -16.34
C PHE B 291 8.53 -7.81 -16.86
N GLU B 292 8.66 -7.67 -18.20
CA GLU B 292 9.62 -6.75 -18.81
C GLU B 292 9.21 -5.31 -18.55
N GLU B 293 7.90 -5.02 -18.65
CA GLU B 293 7.37 -3.69 -18.41
C GLU B 293 7.53 -3.30 -16.94
N ALA B 294 7.31 -4.24 -16.04
CA ALA B 294 7.46 -3.97 -14.60
C ALA B 294 8.92 -3.72 -14.25
N GLU B 295 9.84 -4.53 -14.80
CA GLU B 295 11.26 -4.38 -14.54
C GLU B 295 11.77 -3.05 -15.09
N LYS B 296 11.30 -2.66 -16.29
CA LYS B 296 11.72 -1.41 -16.92
C LYS B 296 11.13 -0.19 -16.21
N ASN B 297 9.90 -0.30 -15.70
CA ASN B 297 9.25 0.81 -15.00
C ASN B 297 9.22 0.57 -13.46
N ALA B 298 10.41 0.43 -12.85
CA ALA B 298 10.54 0.18 -11.41
C ALA B 298 10.33 1.47 -10.60
N PRO B 299 9.73 1.38 -9.39
CA PRO B 299 9.12 0.20 -8.76
C PRO B 299 7.79 -0.17 -9.42
N ALA B 300 7.38 -1.45 -9.31
CA ALA B 300 6.16 -1.90 -9.97
C ALA B 300 5.38 -2.95 -9.21
N ILE B 301 4.05 -2.99 -9.43
CA ILE B 301 3.17 -4.00 -8.85
C ILE B 301 2.45 -4.76 -9.97
N ILE B 302 2.78 -6.05 -10.14
CA ILE B 302 2.11 -6.88 -11.12
C ILE B 302 0.87 -7.49 -10.47
N PHE B 303 -0.32 -7.28 -11.05
CA PHE B 303 -1.54 -7.84 -10.48
C PHE B 303 -2.11 -8.96 -11.31
N ILE B 304 -2.00 -10.20 -10.82
CA ILE B 304 -2.55 -11.35 -11.53
C ILE B 304 -3.95 -11.68 -11.03
N ASP B 305 -4.97 -11.06 -11.64
CA ASP B 305 -6.37 -11.31 -11.29
C ASP B 305 -6.78 -12.70 -11.75
N GLU B 306 -7.55 -13.43 -10.93
CA GLU B 306 -7.97 -14.79 -11.24
C GLU B 306 -6.77 -15.72 -11.49
N LEU B 307 -5.87 -15.83 -10.48
CA LEU B 307 -4.65 -16.64 -10.55
C LEU B 307 -4.97 -18.15 -10.68
N ASP B 308 -6.12 -18.58 -10.15
CA ASP B 308 -6.53 -19.99 -10.24
C ASP B 308 -6.65 -20.50 -11.69
N ALA B 309 -6.79 -19.58 -12.66
CA ALA B 309 -6.85 -19.96 -14.07
C ALA B 309 -5.47 -20.25 -14.61
N ILE B 310 -4.47 -19.45 -14.21
CA ILE B 310 -3.10 -19.61 -14.68
C ILE B 310 -2.40 -20.78 -14.00
N ALA B 311 -2.46 -20.85 -12.66
CA ALA B 311 -1.76 -21.90 -11.92
C ALA B 311 -2.67 -22.77 -11.03
N PRO B 312 -3.50 -23.65 -11.65
CA PRO B 312 -4.33 -24.55 -10.83
C PRO B 312 -3.58 -25.83 -10.46
N LYS B 313 -3.92 -26.42 -9.30
CA LYS B 313 -3.26 -27.66 -8.89
C LYS B 313 -3.93 -28.89 -9.51
N ARG B 314 -3.17 -29.66 -10.27
CA ARG B 314 -3.68 -30.86 -10.93
C ARG B 314 -2.62 -31.98 -10.94
N GLU B 315 -3.05 -33.22 -11.17
CA GLU B 315 -2.08 -34.34 -11.09
C GLU B 315 -1.02 -34.22 -12.21
N M3L B 316 0.22 -34.61 -11.89
CA M3L B 316 1.34 -34.56 -12.87
CB M3L B 316 2.63 -34.06 -12.22
CG M3L B 316 3.73 -33.71 -13.21
CD M3L B 316 5.10 -33.60 -12.59
CE M3L B 316 6.01 -34.72 -13.06
NZ M3L B 316 7.42 -34.74 -12.55
C M3L B 316 1.60 -35.98 -13.34
O M3L B 316 1.73 -36.83 -12.33
CM1 M3L B 316 8.10 -35.96 -13.07
CM2 M3L B 316 8.19 -33.55 -13.01
CM3 M3L B 316 7.42 -34.79 -11.07
N THR B 317 1.66 -36.07 -14.69
CA THR B 317 1.90 -37.37 -15.34
C THR B 317 2.87 -37.20 -16.52
N HIS B 318 3.41 -38.31 -16.99
CA HIS B 318 4.33 -38.37 -18.12
C HIS B 318 3.58 -38.18 -19.44
N GLY B 319 3.39 -36.93 -19.85
CA GLY B 319 2.72 -36.60 -21.09
C GLY B 319 3.19 -35.28 -21.66
N GLU B 320 3.26 -35.17 -23.00
CA GLU B 320 3.71 -33.94 -23.64
C GLU B 320 2.63 -32.86 -23.67
N VAL B 321 2.74 -31.87 -22.79
CA VAL B 321 1.76 -30.79 -22.70
C VAL B 321 2.07 -29.70 -23.72
N GLU B 322 1.03 -29.06 -24.26
CA GLU B 322 1.18 -28.00 -25.26
C GLU B 322 1.74 -26.70 -24.66
N ARG B 323 1.47 -26.45 -23.37
CA ARG B 323 1.92 -25.22 -22.74
C ARG B 323 2.18 -25.41 -21.23
N ARG B 324 3.38 -25.06 -20.78
CA ARG B 324 3.72 -25.10 -19.35
C ARG B 324 3.79 -23.68 -18.81
N ILE B 325 2.61 -23.03 -18.64
CA ILE B 325 2.54 -21.62 -18.25
C ILE B 325 2.96 -21.37 -16.80
N VAL B 326 2.81 -22.37 -15.94
CA VAL B 326 3.18 -22.22 -14.52
C VAL B 326 4.71 -22.19 -14.36
N SER B 327 5.43 -22.97 -15.18
CA SER B 327 6.90 -22.98 -15.15
C SER B 327 7.45 -21.63 -15.64
N GLN B 328 6.77 -20.99 -16.60
CA GLN B 328 7.17 -19.66 -17.10
C GLN B 328 6.98 -18.60 -16.01
N LEU B 329 5.87 -18.71 -15.25
CA LEU B 329 5.57 -17.79 -14.14
C LEU B 329 6.67 -17.87 -13.08
N LEU B 330 7.00 -19.09 -12.63
CA LEU B 330 7.98 -19.30 -11.57
C LEU B 330 9.39 -18.92 -12.02
N THR B 331 9.72 -19.15 -13.30
CA THR B 331 11.03 -18.77 -13.83
C THR B 331 11.18 -17.25 -13.85
N LEU B 332 10.10 -16.54 -14.19
CA LEU B 332 10.09 -15.08 -14.24
C LEU B 332 10.12 -14.48 -12.83
N MET B 333 9.47 -15.14 -11.86
CA MET B 333 9.43 -14.68 -10.47
C MET B 333 10.75 -14.89 -9.77
N ASP B 334 11.39 -16.06 -10.00
CA ASP B 334 12.67 -16.36 -9.37
C ASP B 334 13.81 -15.46 -9.89
N GLY B 335 13.68 -14.99 -11.13
CA GLY B 335 14.67 -14.11 -11.74
C GLY B 335 14.56 -12.65 -11.32
N LEU B 336 13.55 -12.33 -10.50
CA LEU B 336 13.35 -10.96 -10.01
C LEU B 336 14.35 -10.64 -8.92
N LYS B 337 15.26 -9.68 -9.18
CA LYS B 337 16.31 -9.29 -8.24
C LYS B 337 15.84 -8.14 -7.30
N GLN B 338 16.68 -7.77 -6.32
CA GLN B 338 16.37 -6.65 -5.42
C GLN B 338 16.41 -5.29 -6.15
N ARG B 339 17.18 -5.20 -7.27
CA ARG B 339 17.27 -4.00 -8.10
C ARG B 339 16.10 -3.89 -9.13
N ALA B 340 15.20 -4.89 -9.14
CA ALA B 340 14.03 -4.88 -10.01
C ALA B 340 12.88 -4.09 -9.36
N HIS B 341 12.77 -4.15 -8.01
CA HIS B 341 11.72 -3.42 -7.25
C HIS B 341 10.30 -3.80 -7.70
N VAL B 342 10.06 -5.07 -7.99
CA VAL B 342 8.74 -5.52 -8.46
C VAL B 342 8.08 -6.46 -7.45
N ILE B 343 6.84 -6.15 -7.05
CA ILE B 343 6.08 -7.01 -6.15
C ILE B 343 4.85 -7.55 -6.89
N VAL B 344 4.71 -8.89 -6.92
CA VAL B 344 3.60 -9.51 -7.62
C VAL B 344 2.46 -9.84 -6.68
N MET B 345 1.31 -9.21 -6.86
CA MET B 345 0.13 -9.50 -6.06
C MET B 345 -0.88 -10.26 -6.92
N ALA B 346 -1.40 -11.37 -6.41
CA ALA B 346 -2.33 -12.20 -7.18
C ALA B 346 -3.68 -12.36 -6.47
N ALA B 347 -4.76 -12.54 -7.24
CA ALA B 347 -6.09 -12.66 -6.66
C ALA B 347 -6.78 -13.95 -7.08
N THR B 348 -7.44 -14.64 -6.14
CA THR B 348 -8.18 -15.86 -6.44
C THR B 348 -9.36 -16.06 -5.47
N ASN B 349 -10.46 -16.64 -5.94
CA ASN B 349 -11.61 -16.92 -5.06
C ASN B 349 -11.41 -18.23 -4.29
N ARG B 350 -10.77 -19.22 -4.94
CA ARG B 350 -10.50 -20.50 -4.32
C ARG B 350 -9.01 -20.67 -4.05
N PRO B 351 -8.56 -20.37 -2.82
CA PRO B 351 -7.11 -20.42 -2.54
C PRO B 351 -6.54 -21.84 -2.44
N ASN B 352 -7.38 -22.83 -2.11
CA ASN B 352 -6.93 -24.22 -2.01
C ASN B 352 -6.68 -24.88 -3.38
N SER B 353 -7.17 -24.26 -4.47
CA SER B 353 -6.96 -24.79 -5.82
C SER B 353 -5.67 -24.21 -6.48
N ILE B 354 -4.83 -23.50 -5.71
CA ILE B 354 -3.60 -22.92 -6.24
C ILE B 354 -2.45 -23.93 -6.13
N ASP B 355 -1.64 -24.04 -7.18
CA ASP B 355 -0.50 -24.97 -7.20
C ASP B 355 0.47 -24.68 -6.04
N PRO B 356 0.91 -25.73 -5.31
CA PRO B 356 1.78 -25.50 -4.16
C PRO B 356 3.10 -24.80 -4.49
N ALA B 357 3.57 -24.90 -5.75
CA ALA B 357 4.82 -24.26 -6.17
C ALA B 357 4.77 -22.73 -6.07
N LEU B 358 3.55 -22.15 -6.07
CA LEU B 358 3.40 -20.70 -5.98
C LEU B 358 3.75 -20.18 -4.58
N ARG B 359 3.46 -20.97 -3.54
CA ARG B 359 3.77 -20.57 -2.15
C ARG B 359 5.17 -21.05 -1.71
N ARG B 360 6.00 -21.52 -2.65
CA ARG B 360 7.30 -22.09 -2.36
C ARG B 360 8.45 -21.08 -2.54
N PHE B 361 9.61 -21.35 -1.91
CA PHE B 361 10.84 -20.54 -2.06
C PHE B 361 10.63 -19.04 -1.90
N GLY B 362 9.68 -18.65 -1.06
CA GLY B 362 9.40 -17.25 -0.79
C GLY B 362 8.78 -16.50 -1.95
N ARG B 363 8.22 -17.23 -2.94
CA ARG B 363 7.55 -16.58 -4.06
C ARG B 363 6.29 -15.85 -3.55
N PHE B 364 5.17 -16.58 -3.35
CA PHE B 364 3.98 -15.99 -2.74
C PHE B 364 3.99 -16.31 -1.26
N ASP B 365 4.75 -15.53 -0.50
CA ASP B 365 5.01 -15.77 0.91
C ASP B 365 3.81 -15.44 1.81
N ARG B 366 3.19 -14.26 1.61
CA ARG B 366 2.12 -13.80 2.51
C ARG B 366 0.72 -14.04 1.95
N GLU B 367 -0.25 -14.18 2.84
CA GLU B 367 -1.63 -14.41 2.47
C GLU B 367 -2.55 -13.43 3.20
N VAL B 368 -3.30 -12.61 2.46
CA VAL B 368 -4.24 -11.66 3.05
C VAL B 368 -5.68 -11.99 2.64
N ASP B 369 -6.58 -12.10 3.62
CA ASP B 369 -7.97 -12.49 3.35
C ASP B 369 -8.89 -11.28 3.21
N ILE B 370 -9.27 -10.94 1.98
CA ILE B 370 -10.25 -9.87 1.74
C ILE B 370 -11.62 -10.52 1.60
N GLY B 371 -12.27 -10.77 2.72
CA GLY B 371 -13.54 -11.50 2.73
C GLY B 371 -14.77 -10.63 2.66
N ILE B 372 -15.94 -11.24 2.89
CA ILE B 372 -17.21 -10.52 2.89
C ILE B 372 -17.27 -9.55 4.07
N PRO B 373 -17.63 -8.28 3.82
CA PRO B 373 -17.65 -7.29 4.92
C PRO B 373 -18.84 -7.48 5.85
N ASP B 374 -18.69 -7.06 7.11
CA ASP B 374 -19.78 -7.13 8.08
C ASP B 374 -20.58 -5.77 8.11
N ALA B 375 -21.54 -5.62 9.05
CA ALA B 375 -22.39 -4.43 9.13
C ALA B 375 -21.57 -3.12 9.18
N THR B 376 -20.49 -3.11 9.96
CA THR B 376 -19.67 -1.90 10.10
C THR B 376 -18.86 -1.64 8.83
N GLY B 377 -18.36 -2.71 8.22
CA GLY B 377 -17.60 -2.62 6.98
C GLY B 377 -18.44 -2.16 5.81
N ARG B 378 -19.72 -2.59 5.78
CA ARG B 378 -20.66 -2.18 4.73
C ARG B 378 -21.03 -0.72 4.85
N LEU B 379 -21.10 -0.20 6.08
CA LEU B 379 -21.39 1.21 6.30
C LEU B 379 -20.24 2.08 5.77
N GLU B 380 -18.99 1.61 5.94
CA GLU B 380 -17.82 2.33 5.44
C GLU B 380 -17.85 2.44 3.92
N ILE B 381 -18.26 1.36 3.24
CA ILE B 381 -18.35 1.36 1.78
C ILE B 381 -19.47 2.29 1.32
N LEU B 382 -20.61 2.31 2.04
CA LEU B 382 -21.72 3.20 1.70
C LEU B 382 -21.34 4.66 1.90
N GLN B 383 -20.58 4.96 2.95
CA GLN B 383 -20.11 6.32 3.21
C GLN B 383 -19.16 6.79 2.11
N ILE B 384 -18.35 5.86 1.55
CA ILE B 384 -17.40 6.15 0.48
C ILE B 384 -18.11 6.42 -0.84
N HIS B 385 -19.15 5.63 -1.14
CA HIS B 385 -19.85 5.77 -2.41
C HIS B 385 -21.01 6.79 -2.39
N THR B 386 -21.13 7.58 -1.31
CA THR B 386 -22.12 8.67 -1.21
C THR B 386 -21.47 10.00 -0.77
N LYS B 387 -20.13 10.10 -0.82
CA LYS B 387 -19.41 11.29 -0.37
C LYS B 387 -19.66 12.50 -1.29
N ASN B 388 -19.99 12.24 -2.56
CA ASN B 388 -20.22 13.32 -3.52
C ASN B 388 -21.70 13.64 -3.67
N MET B 389 -22.58 12.65 -3.50
CA MET B 389 -24.01 12.86 -3.65
C MET B 389 -24.65 13.52 -2.41
N LYS B 390 -25.66 14.38 -2.62
CA LYS B 390 -26.36 15.08 -1.55
C LYS B 390 -27.48 14.19 -0.99
N LEU B 391 -27.38 13.79 0.28
CA LEU B 391 -28.38 12.90 0.88
C LEU B 391 -29.40 13.67 1.71
N ALA B 392 -30.65 13.19 1.73
CA ALA B 392 -31.71 13.82 2.52
C ALA B 392 -31.60 13.43 4.02
N ASP B 393 -32.35 14.12 4.91
CA ASP B 393 -32.31 13.86 6.35
C ASP B 393 -32.81 12.45 6.69
N ASP B 394 -33.85 11.98 5.98
CA ASP B 394 -34.43 10.65 6.26
C ASP B 394 -33.50 9.48 5.89
N VAL B 395 -32.47 9.74 5.07
CA VAL B 395 -31.54 8.69 4.64
C VAL B 395 -30.77 8.11 5.81
N ASP B 396 -30.92 6.81 6.04
CA ASP B 396 -30.24 6.12 7.11
C ASP B 396 -29.26 5.11 6.54
N LEU B 397 -28.00 5.52 6.33
CA LEU B 397 -26.98 4.60 5.80
C LEU B 397 -26.73 3.43 6.74
N GLU B 398 -26.91 3.63 8.04
CA GLU B 398 -26.75 2.57 9.04
C GLU B 398 -27.80 1.47 8.84
N GLN B 399 -29.02 1.86 8.41
CA GLN B 399 -30.10 0.91 8.13
C GLN B 399 -29.81 0.12 6.84
N VAL B 400 -29.30 0.80 5.81
CA VAL B 400 -28.91 0.15 4.56
C VAL B 400 -27.82 -0.89 4.81
N ALA B 401 -26.82 -0.53 5.64
CA ALA B 401 -25.74 -1.44 6.01
C ALA B 401 -26.25 -2.65 6.78
N ASN B 402 -27.27 -2.45 7.64
CA ASN B 402 -27.85 -3.53 8.43
C ASN B 402 -28.55 -4.56 7.54
N GLU B 403 -29.27 -4.10 6.52
CA GLU B 403 -30.04 -4.99 5.66
C GLU B 403 -29.36 -5.31 4.31
N THR B 404 -28.02 -5.37 4.29
CA THR B 404 -27.30 -5.71 3.05
C THR B 404 -26.36 -6.90 3.26
N HIS B 405 -26.85 -7.98 3.88
CA HIS B 405 -26.04 -9.17 4.10
C HIS B 405 -25.68 -9.84 2.77
N GLY B 406 -24.45 -10.29 2.65
CA GLY B 406 -23.98 -10.94 1.43
C GLY B 406 -23.52 -9.97 0.35
N HIS B 407 -23.54 -8.67 0.65
CA HIS B 407 -23.13 -7.64 -0.30
C HIS B 407 -21.64 -7.36 -0.16
N VAL B 408 -20.91 -7.42 -1.27
CA VAL B 408 -19.51 -7.02 -1.29
C VAL B 408 -19.40 -5.56 -1.82
N GLY B 409 -18.21 -4.96 -1.75
CA GLY B 409 -17.99 -3.58 -2.18
C GLY B 409 -18.55 -3.23 -3.55
N ALA B 410 -18.50 -4.19 -4.50
CA ALA B 410 -19.01 -3.97 -5.85
C ALA B 410 -20.53 -3.87 -5.86
N ASP B 411 -21.21 -4.64 -5.01
CA ASP B 411 -22.66 -4.61 -4.90
C ASP B 411 -23.13 -3.30 -4.28
N LEU B 412 -22.42 -2.83 -3.25
CA LEU B 412 -22.78 -1.60 -2.56
C LEU B 412 -22.50 -0.35 -3.39
N ALA B 413 -21.46 -0.39 -4.23
CA ALA B 413 -21.15 0.73 -5.12
C ALA B 413 -22.21 0.84 -6.22
N ALA B 414 -22.64 -0.31 -6.77
CA ALA B 414 -23.68 -0.34 -7.79
C ALA B 414 -25.04 0.03 -7.19
N LEU B 415 -25.28 -0.31 -5.91
CA LEU B 415 -26.49 0.03 -5.20
C LEU B 415 -26.60 1.54 -5.07
N CYS B 416 -25.49 2.20 -4.70
CA CYS B 416 -25.47 3.66 -4.57
C CYS B 416 -25.62 4.33 -5.91
N SER B 417 -25.07 3.74 -6.99
CA SER B 417 -25.21 4.27 -8.34
C SER B 417 -26.64 4.17 -8.81
N GLU B 418 -27.31 3.05 -8.51
CA GLU B 418 -28.69 2.86 -8.91
C GLU B 418 -29.66 3.71 -8.07
N ALA B 419 -29.29 3.99 -6.80
CA ALA B 419 -30.10 4.83 -5.92
C ALA B 419 -29.98 6.29 -6.33
N ALA B 420 -28.77 6.72 -6.74
CA ALA B 420 -28.55 8.08 -7.21
C ALA B 420 -29.19 8.28 -8.57
N LEU B 421 -29.09 7.28 -9.45
CA LEU B 421 -29.72 7.34 -10.78
C LEU B 421 -31.24 7.41 -10.65
N GLN B 422 -31.82 6.76 -9.63
CA GLN B 422 -33.24 6.79 -9.36
C GLN B 422 -33.70 8.22 -9.06
N ALA B 423 -32.92 8.95 -8.24
CA ALA B 423 -33.24 10.34 -7.88
C ALA B 423 -33.12 11.26 -9.09
N ILE B 424 -32.12 11.01 -9.95
CA ILE B 424 -31.93 11.79 -11.17
C ILE B 424 -33.05 11.52 -12.18
N ARG B 425 -33.56 10.28 -12.24
CA ARG B 425 -34.65 9.91 -13.13
C ARG B 425 -35.98 10.54 -12.69
N LYS B 426 -36.20 10.64 -11.37
CA LYS B 426 -37.44 11.24 -10.85
C LYS B 426 -37.55 12.70 -11.23
N LYS B 427 -36.43 13.43 -11.23
CA LYS B 427 -36.38 14.80 -11.70
C LYS B 427 -35.96 14.81 -13.17
N MET B 428 -36.39 15.82 -13.94
CA MET B 428 -36.12 15.90 -15.38
C MET B 428 -36.78 14.68 -16.13
N ASP B 429 -35.95 13.74 -16.66
CA ASP B 429 -36.46 12.55 -17.37
C ASP B 429 -35.37 11.47 -17.49
N ASP B 435 -25.93 10.17 -21.44
CA ASP B 435 -26.43 11.39 -20.80
C ASP B 435 -25.87 12.67 -21.48
N GLU B 436 -26.38 13.85 -21.07
CA GLU B 436 -25.92 15.12 -21.63
C GLU B 436 -25.51 16.13 -20.50
N THR B 437 -25.21 17.39 -20.86
CA THR B 437 -24.78 18.39 -19.89
C THR B 437 -25.96 18.95 -19.09
N ILE B 438 -25.94 18.79 -17.77
CA ILE B 438 -27.00 19.30 -16.89
C ILE B 438 -26.53 20.56 -16.15
N ASP B 439 -27.46 21.41 -15.69
CA ASP B 439 -27.10 22.62 -14.95
C ASP B 439 -26.50 22.28 -13.59
N ALA B 440 -25.56 23.09 -13.12
CA ALA B 440 -24.88 22.88 -11.85
C ALA B 440 -25.82 23.09 -10.66
N GLU B 441 -26.64 24.16 -10.71
CA GLU B 441 -27.58 24.45 -9.62
C GLU B 441 -28.78 23.48 -9.62
N VAL B 442 -29.04 22.80 -10.74
CA VAL B 442 -30.10 21.80 -10.82
C VAL B 442 -29.65 20.51 -10.12
N MET B 443 -28.40 20.09 -10.40
CA MET B 443 -27.84 18.88 -9.79
C MET B 443 -27.59 19.07 -8.30
N ASN B 444 -27.28 20.30 -7.86
CA ASN B 444 -27.04 20.58 -6.45
C ASN B 444 -28.34 20.62 -5.65
N SER B 445 -29.45 21.03 -6.30
CA SER B 445 -30.77 21.06 -5.64
C SER B 445 -31.40 19.64 -5.55
N LEU B 446 -30.70 18.61 -6.04
CA LEU B 446 -31.18 17.24 -6.04
C LEU B 446 -30.65 16.50 -4.81
N ALA B 447 -31.55 15.85 -4.06
CA ALA B 447 -31.16 15.09 -2.88
C ALA B 447 -31.70 13.67 -2.93
N VAL B 448 -30.82 12.67 -2.77
CA VAL B 448 -31.25 11.27 -2.76
C VAL B 448 -31.97 10.95 -1.45
N THR B 449 -33.12 10.29 -1.54
CA THR B 449 -33.95 10.00 -0.37
C THR B 449 -33.89 8.50 0.01
N MET B 450 -34.47 8.12 1.19
CA MET B 450 -34.48 6.72 1.61
C MET B 450 -35.33 5.85 0.69
N ASP B 451 -36.37 6.43 0.06
CA ASP B 451 -37.20 5.70 -0.89
C ASP B 451 -36.41 5.30 -2.15
N ASP B 452 -35.36 6.06 -2.48
CA ASP B 452 -34.49 5.74 -3.62
C ASP B 452 -33.55 4.58 -3.25
N PHE B 453 -33.07 4.54 -1.99
CA PHE B 453 -32.22 3.46 -1.50
C PHE B 453 -33.04 2.18 -1.31
N ARG B 454 -34.30 2.32 -0.87
CA ARG B 454 -35.19 1.18 -0.70
C ARG B 454 -35.57 0.57 -2.04
N TRP B 455 -35.69 1.40 -3.10
CA TRP B 455 -35.95 0.92 -4.44
C TRP B 455 -34.72 0.21 -4.99
N ALA B 456 -33.53 0.77 -4.74
CA ALA B 456 -32.28 0.16 -5.18
C ALA B 456 -32.06 -1.18 -4.50
N LEU B 457 -32.46 -1.31 -3.22
CA LEU B 457 -32.33 -2.56 -2.48
C LEU B 457 -33.29 -3.62 -2.98
N SER B 458 -34.51 -3.21 -3.38
CA SER B 458 -35.50 -4.14 -3.90
C SER B 458 -35.06 -4.76 -5.25
N GLN B 459 -34.18 -4.06 -5.99
CA GLN B 459 -33.68 -4.56 -7.26
C GLN B 459 -32.28 -5.20 -7.14
N SER B 460 -31.50 -4.80 -6.11
CA SER B 460 -30.13 -5.31 -5.90
C SER B 460 -30.12 -6.80 -5.55
N ASN B 461 -29.47 -7.61 -6.36
CA ASN B 461 -29.34 -9.04 -6.10
C ASN B 461 -27.89 -9.48 -6.25
N PRO B 462 -27.17 -9.64 -5.13
CA PRO B 462 -25.75 -10.01 -5.21
C PRO B 462 -25.55 -11.46 -5.65
N LEU C 8 7.15 -21.39 -32.06
CA LEU C 8 8.13 -22.23 -31.37
C LEU C 8 9.17 -21.38 -30.62
N ARG C 9 9.02 -21.27 -29.29
CA ARG C 9 9.94 -20.46 -28.47
C ARG C 9 10.37 -21.20 -27.18
N SER C 10 11.36 -20.63 -26.46
CA SER C 10 11.87 -21.26 -25.24
C SER C 10 12.19 -20.22 -24.15
N PHE C 11 12.29 -20.66 -22.89
CA PHE C 11 12.61 -19.79 -21.76
C PHE C 11 13.72 -20.40 -20.90
N VAL C 12 14.64 -19.57 -20.36
CA VAL C 12 15.76 -20.09 -19.57
C VAL C 12 15.65 -19.75 -18.08
N ARG C 13 16.03 -20.71 -17.23
CA ARG C 13 16.05 -20.50 -15.78
C ARG C 13 17.48 -20.25 -15.34
N VAL C 14 17.71 -19.19 -14.58
CA VAL C 14 19.02 -18.85 -14.08
C VAL C 14 19.22 -19.39 -12.66
N LEU C 15 20.01 -20.47 -12.50
CA LEU C 15 20.26 -21.07 -11.20
C LEU C 15 21.52 -20.50 -10.58
N GLU C 16 21.39 -19.55 -9.66
CA GLU C 16 22.54 -18.91 -9.04
C GLU C 16 23.21 -19.78 -7.99
N LYS C 17 24.53 -19.93 -8.07
CA LYS C 17 25.32 -20.68 -7.10
C LYS C 17 25.71 -19.78 -5.91
N ARG C 18 26.22 -20.38 -4.82
CA ARG C 18 26.63 -19.62 -3.63
C ARG C 18 27.84 -18.74 -3.92
N ASP C 19 28.74 -19.18 -4.81
CA ASP C 19 29.95 -18.40 -5.15
C ASP C 19 29.67 -17.21 -6.09
N GLY C 20 28.47 -17.14 -6.65
CA GLY C 20 28.08 -16.04 -7.53
C GLY C 20 27.76 -16.47 -8.94
N THR C 21 28.48 -17.48 -9.46
CA THR C 21 28.28 -17.97 -10.84
C THR C 21 26.87 -18.51 -11.04
N VAL C 22 26.29 -18.31 -12.23
CA VAL C 22 24.93 -18.75 -12.50
C VAL C 22 24.87 -19.80 -13.60
N LEU C 23 23.96 -20.77 -13.45
CA LEU C 23 23.78 -21.81 -14.45
C LEU C 23 22.58 -21.49 -15.33
N ARG C 24 22.82 -21.13 -16.59
CA ARG C 24 21.75 -20.82 -17.52
C ARG C 24 21.17 -22.11 -18.10
N LEU C 25 19.97 -22.49 -17.65
CA LEU C 25 19.34 -23.74 -18.07
C LEU C 25 18.20 -23.48 -19.06
N GLN C 26 18.34 -23.95 -20.31
CA GLN C 26 17.30 -23.80 -21.32
C GLN C 26 16.11 -24.74 -21.02
N GLN C 27 14.87 -24.23 -21.18
CA GLN C 27 13.67 -25.02 -20.96
C GLN C 27 12.72 -24.93 -22.15
N TYR C 28 11.95 -25.99 -22.42
CA TYR C 28 11.00 -25.99 -23.52
C TYR C 28 9.55 -25.91 -23.02
N SER C 29 8.78 -24.96 -23.57
CA SER C 29 7.38 -24.75 -23.16
C SER C 29 6.45 -25.89 -23.61
N SER C 30 6.83 -26.62 -24.67
CA SER C 30 6.02 -27.73 -25.16
C SER C 30 6.86 -29.00 -25.22
N GLY C 31 6.35 -30.06 -24.60
CA GLY C 31 7.05 -31.33 -24.57
C GLY C 31 6.87 -32.08 -23.26
N GLY C 32 7.76 -33.03 -23.00
CA GLY C 32 7.70 -33.85 -21.80
C GLY C 32 7.97 -33.10 -20.52
N VAL C 33 7.78 -33.78 -19.37
CA VAL C 33 7.97 -33.18 -18.05
C VAL C 33 9.43 -32.77 -17.79
N GLY C 34 10.38 -33.48 -18.41
CA GLY C 34 11.79 -33.19 -18.24
C GLY C 34 12.28 -31.95 -18.96
N CYS C 35 11.39 -31.31 -19.75
CA CYS C 35 11.78 -30.10 -20.50
C CYS C 35 11.80 -28.82 -19.63
N VAL C 36 11.35 -28.90 -18.37
CA VAL C 36 11.36 -27.75 -17.47
C VAL C 36 12.08 -28.09 -16.17
N VAL C 37 12.76 -27.12 -15.55
CA VAL C 37 13.45 -27.35 -14.29
C VAL C 37 12.46 -27.42 -13.14
N TRP C 38 12.37 -28.57 -12.49
CA TRP C 38 11.41 -28.77 -11.40
C TRP C 38 11.95 -28.27 -10.06
N ASP C 39 11.04 -27.99 -9.11
CA ASP C 39 11.41 -27.46 -7.80
C ASP C 39 12.30 -28.42 -7.01
N ALA C 40 12.13 -29.74 -7.21
CA ALA C 40 12.95 -30.74 -6.53
C ALA C 40 14.40 -30.69 -6.99
N ALA C 41 14.62 -30.37 -8.28
CA ALA C 41 15.97 -30.22 -8.81
C ALA C 41 16.67 -28.98 -8.24
N ILE C 42 15.89 -27.92 -7.95
CA ILE C 42 16.40 -26.70 -7.33
C ILE C 42 16.78 -26.96 -5.88
N VAL C 43 15.96 -27.75 -5.16
CA VAL C 43 16.24 -28.11 -3.78
C VAL C 43 17.48 -28.99 -3.70
N LEU C 44 17.59 -29.98 -4.60
CA LEU C 44 18.72 -30.89 -4.61
C LEU C 44 20.01 -30.21 -5.05
N SER C 45 19.94 -29.33 -6.06
CA SER C 45 21.13 -28.62 -6.54
C SER C 45 21.70 -27.73 -5.43
N LYS C 46 20.83 -26.97 -4.74
CA LYS C 46 21.28 -26.08 -3.68
C LYS C 46 21.73 -26.87 -2.42
N TYR C 47 21.26 -28.13 -2.26
CA TYR C 47 21.67 -28.97 -1.13
C TYR C 47 23.13 -29.40 -1.26
N LEU C 48 23.60 -29.61 -2.50
CA LEU C 48 25.00 -30.00 -2.73
C LEU C 48 25.97 -28.87 -2.36
N GLU C 49 25.51 -27.60 -2.41
CA GLU C 49 26.34 -26.45 -2.07
C GLU C 49 26.42 -26.19 -0.55
N THR C 50 25.52 -26.80 0.25
CA THR C 50 25.50 -26.58 1.70
C THR C 50 26.84 -26.95 2.34
N PRO C 51 27.28 -26.19 3.35
CA PRO C 51 28.56 -26.49 4.00
C PRO C 51 28.59 -27.87 4.67
N GLU C 52 27.41 -28.39 5.07
CA GLU C 52 27.30 -29.71 5.67
C GLU C 52 27.65 -30.77 4.62
N PHE C 53 27.16 -30.60 3.38
CA PHE C 53 27.45 -31.53 2.30
C PHE C 53 28.89 -31.36 1.80
N SER C 54 29.35 -30.10 1.65
CA SER C 54 30.73 -29.81 1.22
C SER C 54 31.74 -30.41 2.21
N GLY C 55 31.43 -30.31 3.50
CA GLY C 55 32.26 -30.86 4.55
C GLY C 55 33.55 -30.11 4.77
N ASP C 56 34.64 -30.83 4.96
CA ASP C 56 35.93 -30.24 5.23
C ASP C 56 36.86 -30.34 4.01
N GLY C 57 37.77 -29.38 3.88
CA GLY C 57 38.73 -29.34 2.78
C GLY C 57 38.07 -29.26 1.42
N ALA C 58 38.50 -30.14 0.50
CA ALA C 58 37.90 -30.20 -0.84
C ALA C 58 36.46 -30.70 -0.76
N HIS C 59 35.63 -30.33 -1.75
CA HIS C 59 34.23 -30.73 -1.77
C HIS C 59 34.08 -32.26 -1.79
N ALA C 60 32.96 -32.78 -1.25
CA ALA C 60 32.71 -34.22 -1.21
C ALA C 60 32.57 -34.81 -2.61
N LEU C 61 32.02 -34.03 -3.55
CA LEU C 61 31.82 -34.49 -4.91
C LEU C 61 33.12 -34.43 -5.74
N SER C 62 34.05 -33.54 -5.36
CA SER C 62 35.31 -33.33 -6.10
C SER C 62 36.06 -34.63 -6.41
N ARG C 63 36.28 -34.89 -7.72
CA ARG C 63 36.99 -36.08 -8.23
C ARG C 63 36.26 -37.40 -7.91
N ARG C 64 34.94 -37.34 -7.71
CA ARG C 64 34.16 -38.55 -7.43
C ARG C 64 33.10 -38.75 -8.52
N SER C 65 32.86 -40.01 -8.89
CA SER C 65 31.91 -40.33 -9.96
C SER C 65 30.48 -40.18 -9.49
N VAL C 66 29.61 -39.67 -10.34
CA VAL C 66 28.21 -39.47 -10.01
C VAL C 66 27.31 -39.68 -11.24
N LEU C 67 26.19 -40.38 -11.06
CA LEU C 67 25.26 -40.68 -12.15
C LEU C 67 23.87 -40.12 -11.82
N GLU C 68 23.36 -39.18 -12.65
CA GLU C 68 22.03 -38.62 -12.42
C GLU C 68 20.99 -39.35 -13.24
N LEU C 69 20.01 -39.97 -12.56
CA LEU C 69 18.91 -40.67 -13.23
C LEU C 69 17.75 -39.72 -13.43
N GLY C 70 17.23 -39.66 -14.65
CA GLY C 70 16.16 -38.74 -15.00
C GLY C 70 16.60 -37.30 -14.85
N SER C 71 17.58 -36.89 -15.65
CA SER C 71 18.17 -35.57 -15.54
C SER C 71 17.28 -34.46 -16.09
N GLY C 72 16.57 -34.76 -17.17
CA GLY C 72 15.73 -33.77 -17.84
C GLY C 72 16.56 -32.65 -18.43
N THR C 73 16.53 -31.48 -17.79
CA THR C 73 17.37 -30.36 -18.20
C THR C 73 18.83 -30.62 -17.80
N GLY C 74 19.03 -31.23 -16.64
CA GLY C 74 20.35 -31.56 -16.12
C GLY C 74 20.82 -30.60 -15.04
N ALA C 75 19.87 -29.99 -14.31
CA ALA C 75 20.19 -29.00 -13.28
C ALA C 75 21.05 -29.59 -12.16
N VAL C 76 20.70 -30.78 -11.67
CA VAL C 76 21.44 -31.41 -10.58
C VAL C 76 22.80 -31.91 -11.06
N GLY C 77 22.81 -32.56 -12.21
CA GLY C 77 24.04 -33.09 -12.80
C GLY C 77 25.03 -32.01 -13.16
N LEU C 78 24.53 -30.88 -13.62
CA LEU C 78 25.39 -29.75 -13.98
C LEU C 78 25.91 -29.04 -12.73
N MET C 79 25.10 -28.98 -11.67
CA MET C 79 25.53 -28.38 -10.41
C MET C 79 26.68 -29.18 -9.82
N ALA C 80 26.56 -30.52 -9.83
CA ALA C 80 27.61 -31.40 -9.31
C ALA C 80 28.89 -31.30 -10.16
N ALA C 81 28.74 -31.14 -11.48
CA ALA C 81 29.88 -31.01 -12.39
C ALA C 81 30.68 -29.72 -12.10
N THR C 82 30.00 -28.65 -11.69
CA THR C 82 30.67 -27.41 -11.32
C THR C 82 31.35 -27.51 -9.93
N LEU C 83 30.98 -28.52 -9.12
CA LEU C 83 31.57 -28.73 -7.80
C LEU C 83 32.77 -29.74 -7.84
N GLY C 84 33.22 -30.11 -9.04
CA GLY C 84 34.39 -30.97 -9.21
C GLY C 84 34.09 -32.43 -9.51
N ALA C 85 32.81 -32.80 -9.48
CA ALA C 85 32.42 -34.20 -9.67
C ALA C 85 32.53 -34.68 -11.13
N ASP C 86 32.66 -36.00 -11.32
CA ASP C 86 32.65 -36.60 -12.64
C ASP C 86 31.24 -37.14 -12.95
N VAL C 87 30.41 -36.31 -13.60
CA VAL C 87 28.99 -36.59 -13.81
C VAL C 87 28.68 -37.30 -15.14
N VAL C 88 27.66 -38.16 -15.12
CA VAL C 88 27.09 -38.78 -16.31
C VAL C 88 25.57 -38.58 -16.26
N VAL C 89 25.06 -37.55 -16.94
CA VAL C 89 23.63 -37.26 -16.91
C VAL C 89 22.85 -38.17 -17.87
N THR C 90 21.83 -38.88 -17.34
CA THR C 90 21.06 -39.83 -18.15
C THR C 90 19.59 -39.47 -18.24
N ASP C 91 18.93 -39.91 -19.32
CA ASP C 91 17.50 -39.70 -19.55
C ASP C 91 17.05 -40.49 -20.82
N LEU C 92 15.82 -40.23 -21.31
CA LEU C 92 15.32 -40.84 -22.52
C LEU C 92 16.10 -40.34 -23.75
N GLU C 93 15.92 -40.98 -24.92
CA GLU C 93 16.58 -40.57 -26.14
C GLU C 93 16.10 -39.16 -26.59
N GLU C 94 14.84 -38.80 -26.24
CA GLU C 94 14.27 -37.50 -26.61
C GLU C 94 14.79 -36.33 -25.76
N LEU C 95 15.40 -36.62 -24.61
CA LEU C 95 15.95 -35.57 -23.74
C LEU C 95 17.48 -35.44 -23.88
N GLN C 96 18.06 -35.99 -24.96
CA GLN C 96 19.51 -35.94 -25.16
C GLN C 96 19.96 -34.63 -25.81
N ASP C 97 19.12 -34.05 -26.68
CA ASP C 97 19.44 -32.78 -27.32
C ASP C 97 19.40 -31.61 -26.31
N LEU C 98 18.57 -31.74 -25.25
CA LEU C 98 18.50 -30.73 -24.20
C LEU C 98 19.66 -30.88 -23.22
N LEU C 99 20.05 -32.14 -22.92
CA LEU C 99 21.19 -32.41 -22.04
C LEU C 99 22.49 -31.93 -22.67
N LYS C 100 22.66 -32.15 -23.99
CA LYS C 100 23.84 -31.70 -24.73
C LYS C 100 23.89 -30.17 -24.83
N MET C 101 22.72 -29.52 -24.92
CA MET C 101 22.63 -28.07 -25.02
C MET C 101 22.98 -27.40 -23.70
N ASN C 102 22.47 -27.93 -22.58
CA ASN C 102 22.73 -27.36 -21.27
C ASN C 102 24.18 -27.58 -20.81
N ILE C 103 24.82 -28.67 -21.26
CA ILE C 103 26.23 -28.89 -20.99
C ILE C 103 27.06 -27.82 -21.73
N ASN C 104 26.68 -27.52 -22.97
CA ASN C 104 27.34 -26.52 -23.80
C ASN C 104 27.23 -25.13 -23.19
N MET C 105 26.06 -24.80 -22.63
CA MET C 105 25.81 -23.47 -22.06
C MET C 105 26.53 -23.24 -20.72
N ASN C 106 26.94 -24.32 -20.03
CA ASN C 106 27.57 -24.19 -18.72
C ASN C 106 28.88 -24.98 -18.59
N LYS C 107 29.52 -25.34 -19.71
CA LYS C 107 30.77 -26.12 -19.68
C LYS C 107 31.95 -25.32 -19.15
N HIS C 108 31.90 -23.98 -19.25
CA HIS C 108 32.96 -23.11 -18.73
C HIS C 108 33.02 -23.16 -17.19
N LEU C 109 31.88 -23.43 -16.54
CA LEU C 109 31.82 -23.50 -15.09
C LEU C 109 32.18 -24.89 -14.55
N VAL C 110 32.23 -25.92 -15.43
CA VAL C 110 32.52 -27.28 -15.02
C VAL C 110 33.98 -27.45 -14.58
N THR C 111 34.19 -27.84 -13.32
CA THR C 111 35.53 -28.12 -12.81
C THR C 111 35.88 -29.62 -12.90
N GLY C 112 34.86 -30.47 -12.87
CA GLY C 112 35.03 -31.91 -13.04
C GLY C 112 34.82 -32.33 -14.48
N SER C 113 33.76 -33.11 -14.73
CA SER C 113 33.42 -33.56 -16.08
C SER C 113 31.93 -33.90 -16.17
N VAL C 114 31.35 -33.82 -17.37
CA VAL C 114 29.93 -34.15 -17.55
C VAL C 114 29.61 -34.67 -18.96
N GLN C 115 29.01 -35.87 -19.04
CA GLN C 115 28.66 -36.49 -20.32
C GLN C 115 27.19 -36.88 -20.35
N ALA C 116 26.52 -36.72 -21.48
CA ALA C 116 25.11 -37.07 -21.61
C ALA C 116 24.92 -38.46 -22.21
N LYS C 117 24.40 -39.40 -21.42
CA LYS C 117 24.16 -40.76 -21.88
C LYS C 117 22.66 -41.10 -21.90
N VAL C 118 22.27 -42.13 -22.64
CA VAL C 118 20.88 -42.57 -22.69
C VAL C 118 20.69 -43.69 -21.67
N LEU C 119 19.59 -43.63 -20.88
CA LEU C 119 19.34 -44.67 -19.87
C LEU C 119 17.85 -44.78 -19.55
N LYS C 120 17.14 -45.69 -20.22
CA LYS C 120 15.74 -45.93 -19.89
C LYS C 120 15.66 -46.87 -18.71
N TRP C 121 14.89 -46.50 -17.67
CA TRP C 121 14.77 -47.29 -16.46
C TRP C 121 14.18 -48.66 -16.75
N GLY C 122 14.86 -49.70 -16.28
CA GLY C 122 14.42 -51.08 -16.46
C GLY C 122 15.24 -51.87 -17.46
N GLU C 123 15.86 -51.18 -18.43
CA GLU C 123 16.65 -51.85 -19.45
C GLU C 123 18.01 -52.35 -18.91
N GLU C 124 18.70 -53.20 -19.69
CA GLU C 124 20.00 -53.74 -19.28
C GLU C 124 21.08 -52.68 -19.38
N ILE C 125 21.99 -52.65 -18.40
CA ILE C 125 23.07 -51.67 -18.38
C ILE C 125 24.20 -52.11 -19.33
N GLU C 126 24.72 -51.16 -20.12
CA GLU C 126 25.74 -51.50 -21.12
C GLU C 126 27.07 -50.76 -20.91
N GLY C 127 27.00 -49.47 -20.61
CA GLY C 127 28.21 -48.65 -20.48
C GLY C 127 28.56 -48.24 -19.06
N PHE C 128 28.12 -49.02 -18.07
CA PHE C 128 28.43 -48.70 -16.67
C PHE C 128 28.93 -49.94 -15.93
N PRO C 129 30.21 -50.32 -16.15
CA PRO C 129 30.73 -51.52 -15.46
C PRO C 129 31.03 -51.26 -13.98
N SER C 130 31.56 -50.08 -13.67
CA SER C 130 31.90 -49.71 -12.29
C SER C 130 30.73 -48.98 -11.62
N PRO C 131 30.42 -49.34 -10.36
CA PRO C 131 29.35 -48.60 -9.65
C PRO C 131 29.81 -47.20 -9.27
N PRO C 132 28.94 -46.19 -9.46
CA PRO C 132 29.36 -44.81 -9.16
C PRO C 132 29.39 -44.51 -7.67
N ASP C 133 30.08 -43.43 -7.28
CA ASP C 133 30.12 -43.02 -5.88
C ASP C 133 28.79 -42.38 -5.46
N PHE C 134 28.09 -41.73 -6.41
CA PHE C 134 26.82 -41.08 -6.11
C PHE C 134 25.79 -41.37 -7.20
N ILE C 135 24.53 -41.48 -6.81
CA ILE C 135 23.42 -41.58 -7.75
C ILE C 135 22.38 -40.52 -7.37
N LEU C 136 22.20 -39.50 -8.22
CA LEU C 136 21.30 -38.42 -7.90
C LEU C 136 19.98 -38.52 -8.66
N MET C 137 18.87 -38.19 -7.98
CA MET C 137 17.55 -38.27 -8.57
C MET C 137 16.76 -37.04 -8.18
N ALA C 138 16.20 -36.33 -9.17
CA ALA C 138 15.39 -35.15 -8.88
C ALA C 138 13.98 -35.31 -9.47
N ASP C 139 12.98 -35.48 -8.58
CA ASP C 139 11.57 -35.66 -8.97
C ASP C 139 11.38 -36.80 -9.99
N CYS C 140 11.80 -38.01 -9.62
CA CYS C 140 11.69 -39.17 -10.52
C CYS C 140 10.48 -40.07 -10.18
N ILE C 141 9.85 -39.88 -9.01
CA ILE C 141 8.71 -40.70 -8.59
C ILE C 141 7.41 -40.03 -9.00
N TYR C 142 6.67 -40.63 -9.97
CA TYR C 142 5.40 -40.07 -10.41
C TYR C 142 4.53 -41.02 -11.24
N TYR C 143 5.12 -42.09 -11.83
CA TYR C 143 4.32 -43.03 -12.63
C TYR C 143 4.90 -44.48 -12.66
N GLU C 144 4.28 -45.39 -13.46
CA GLU C 144 4.64 -46.82 -13.54
C GLU C 144 6.15 -47.09 -13.60
N GLU C 145 6.90 -46.31 -14.37
CA GLU C 145 8.34 -46.52 -14.52
C GLU C 145 9.12 -46.22 -13.24
N SER C 146 8.60 -45.33 -12.40
CA SER C 146 9.24 -45.00 -11.12
C SER C 146 9.12 -46.15 -10.12
N LEU C 147 8.10 -47.02 -10.29
CA LEU C 147 7.82 -48.07 -9.32
C LEU C 147 8.83 -49.23 -9.37
N GLU C 148 8.82 -50.01 -10.47
CA GLU C 148 9.68 -51.18 -10.55
C GLU C 148 10.88 -51.02 -11.48
N PRO C 149 10.70 -50.48 -12.73
CA PRO C 149 11.86 -50.39 -13.64
C PRO C 149 12.97 -49.49 -13.10
N LEU C 150 12.60 -48.41 -12.39
CA LEU C 150 13.57 -47.50 -11.80
C LEU C 150 14.33 -48.18 -10.67
N LEU C 151 13.63 -48.98 -9.86
CA LEU C 151 14.27 -49.67 -8.74
C LEU C 151 15.24 -50.74 -9.22
N LYS C 152 14.90 -51.44 -10.32
CA LYS C 152 15.80 -52.46 -10.88
C LYS C 152 17.06 -51.82 -11.48
N THR C 153 16.94 -50.59 -11.99
CA THR C 153 18.08 -49.84 -12.50
C THR C 153 18.99 -49.43 -11.34
N LEU C 154 18.38 -48.96 -10.22
CA LEU C 154 19.10 -48.60 -9.01
C LEU C 154 19.85 -49.81 -8.47
N LYS C 155 19.20 -50.97 -8.45
CA LYS C 155 19.81 -52.19 -7.92
C LYS C 155 20.96 -52.70 -8.76
N ASP C 156 20.81 -52.69 -10.08
CA ASP C 156 21.87 -53.17 -10.98
C ASP C 156 23.07 -52.24 -10.97
N ILE C 157 22.83 -50.94 -10.93
CA ILE C 157 23.91 -49.95 -11.00
C ILE C 157 24.63 -49.76 -9.66
N SER C 158 23.88 -49.45 -8.59
CA SER C 158 24.48 -49.11 -7.31
C SER C 158 25.25 -50.24 -6.65
N GLY C 159 26.31 -49.88 -5.96
CA GLY C 159 27.06 -50.80 -5.12
C GLY C 159 26.75 -50.56 -3.65
N PHE C 160 27.42 -51.29 -2.76
CA PHE C 160 27.19 -51.13 -1.32
C PHE C 160 27.72 -49.78 -0.79
N GLU C 161 28.79 -49.27 -1.41
CA GLU C 161 29.35 -47.97 -1.01
C GLU C 161 28.78 -46.80 -1.86
N THR C 162 27.79 -47.09 -2.74
CA THR C 162 27.17 -46.07 -3.59
C THR C 162 26.10 -45.30 -2.83
N CYS C 163 26.24 -43.97 -2.76
CA CYS C 163 25.27 -43.14 -2.05
C CYS C 163 24.20 -42.62 -2.99
N ILE C 164 22.95 -43.03 -2.77
CA ILE C 164 21.83 -42.57 -3.60
C ILE C 164 21.08 -41.43 -2.90
N ILE C 165 20.96 -40.28 -3.57
CA ILE C 165 20.23 -39.15 -3.00
C ILE C 165 18.97 -38.88 -3.80
N CYS C 166 17.82 -39.17 -3.22
CA CYS C 166 16.56 -39.02 -3.92
C CYS C 166 15.76 -37.81 -3.41
N CYS C 167 15.66 -36.78 -4.24
CA CYS C 167 14.88 -35.60 -3.90
C CYS C 167 13.59 -35.61 -4.70
N TYR C 168 12.44 -35.38 -4.06
CA TYR C 168 11.15 -35.41 -4.75
C TYR C 168 10.10 -34.51 -4.07
N GLU C 169 9.08 -34.07 -4.82
CA GLU C 169 8.00 -33.28 -4.25
C GLU C 169 6.82 -34.17 -3.95
N GLN C 170 6.23 -34.02 -2.77
CA GLN C 170 5.07 -34.80 -2.38
C GLN C 170 3.82 -34.27 -3.05
N ARG C 171 3.22 -35.05 -3.95
CA ARG C 171 2.01 -34.64 -4.66
C ARG C 171 0.78 -35.36 -4.14
N THR C 172 -0.34 -34.62 -3.97
CA THR C 172 -1.53 -35.15 -3.34
C THR C 172 -2.73 -35.23 -4.29
N MET C 173 -2.48 -35.41 -5.59
CA MET C 173 -3.57 -35.48 -6.56
C MET C 173 -3.46 -36.66 -7.52
N GLY C 174 -4.53 -37.42 -7.64
CA GLY C 174 -4.61 -38.54 -8.58
C GLY C 174 -3.74 -39.72 -8.22
N LYS C 175 -2.99 -40.23 -9.21
CA LYS C 175 -2.13 -41.40 -9.02
C LYS C 175 -0.87 -41.06 -8.21
N ASN C 176 -0.44 -39.78 -8.22
CA ASN C 176 0.79 -39.34 -7.54
C ASN C 176 0.95 -39.87 -6.07
N PRO C 177 -0.03 -39.68 -5.14
CA PRO C 177 0.17 -40.17 -3.77
C PRO C 177 0.25 -41.70 -3.67
N GLU C 178 -0.41 -42.41 -4.61
CA GLU C 178 -0.39 -43.88 -4.62
C GLU C 178 0.97 -44.40 -5.08
N ILE C 179 1.55 -43.77 -6.10
CA ILE C 179 2.86 -44.18 -6.62
C ILE C 179 3.98 -43.90 -5.62
N GLU C 180 3.85 -42.82 -4.84
CA GLU C 180 4.84 -42.50 -3.82
C GLU C 180 4.85 -43.55 -2.72
N LYS C 181 3.66 -44.00 -2.31
CA LYS C 181 3.54 -45.02 -1.26
C LYS C 181 4.09 -46.36 -1.74
N LYS C 182 3.80 -46.74 -2.99
CA LYS C 182 4.27 -48.01 -3.54
C LYS C 182 5.79 -47.99 -3.81
N TYR C 183 6.35 -46.80 -4.11
CA TYR C 183 7.78 -46.67 -4.36
C TYR C 183 8.58 -47.06 -3.11
N PHE C 184 8.23 -46.49 -1.94
CA PHE C 184 8.95 -46.77 -0.70
C PHE C 184 8.64 -48.18 -0.14
N GLU C 185 7.50 -48.76 -0.51
CA GLU C 185 7.15 -50.11 -0.10
C GLU C 185 8.07 -51.13 -0.80
N LEU C 186 8.38 -50.88 -2.08
CA LEU C 186 9.26 -51.76 -2.86
C LEU C 186 10.75 -51.42 -2.63
N LEU C 187 11.05 -50.14 -2.36
CA LEU C 187 12.42 -49.68 -2.09
C LEU C 187 12.98 -50.33 -0.83
N GLN C 188 12.12 -50.60 0.16
CA GLN C 188 12.53 -51.21 1.43
C GLN C 188 12.97 -52.67 1.27
N LEU C 189 12.58 -53.34 0.17
CA LEU C 189 12.92 -54.74 -0.04
C LEU C 189 14.41 -54.97 -0.32
N ASP C 190 15.09 -53.96 -0.90
CA ASP C 190 16.52 -54.11 -1.23
C ASP C 190 17.38 -52.96 -0.66
N PHE C 191 16.78 -51.80 -0.40
CA PHE C 191 17.52 -50.62 0.03
C PHE C 191 17.11 -50.13 1.42
N ASP C 192 17.96 -49.27 2.03
CA ASP C 192 17.67 -48.66 3.33
C ASP C 192 17.63 -47.14 3.19
N PHE C 193 16.43 -46.55 3.19
CA PHE C 193 16.29 -45.11 3.02
C PHE C 193 16.24 -44.35 4.36
N GLU C 194 16.66 -43.08 4.35
CA GLU C 194 16.69 -42.24 5.55
C GLU C 194 16.42 -40.78 5.15
N LYS C 195 15.34 -40.19 5.66
CA LYS C 195 14.96 -38.83 5.30
C LYS C 195 15.86 -37.79 5.96
N ILE C 196 16.38 -36.84 5.18
CA ILE C 196 17.22 -35.76 5.68
C ILE C 196 16.33 -34.65 6.25
N PRO C 197 16.59 -34.20 7.49
CA PRO C 197 15.74 -33.16 8.09
C PRO C 197 15.72 -31.88 7.25
N LEU C 198 14.56 -31.21 7.20
CA LEU C 198 14.42 -29.97 6.42
C LEU C 198 15.43 -28.90 6.86
N GLU C 199 15.84 -28.92 8.16
CA GLU C 199 16.83 -28.00 8.70
C GLU C 199 18.21 -28.12 8.01
N LYS C 200 18.51 -29.32 7.47
CA LYS C 200 19.79 -29.55 6.78
C LYS C 200 19.77 -29.02 5.32
N HIS C 201 18.57 -28.72 4.77
CA HIS C 201 18.44 -28.22 3.40
C HIS C 201 18.92 -26.75 3.29
N ASP C 202 18.96 -26.19 2.05
CA ASP C 202 19.32 -24.79 1.83
C ASP C 202 18.36 -23.87 2.59
N GLU C 203 18.87 -22.79 3.20
CA GLU C 203 18.04 -21.90 4.00
C GLU C 203 16.91 -21.22 3.20
N GLU C 204 17.19 -20.85 1.94
CA GLU C 204 16.19 -20.17 1.11
C GLU C 204 15.43 -21.14 0.20
N TYR C 205 16.16 -22.03 -0.49
CA TYR C 205 15.54 -22.95 -1.44
C TYR C 205 15.25 -24.32 -0.84
N ARG C 206 14.34 -24.36 0.15
CA ARG C 206 13.88 -25.60 0.77
C ARG C 206 12.36 -25.59 0.86
N SER C 207 11.74 -26.77 1.08
CA SER C 207 10.28 -26.83 1.18
C SER C 207 9.81 -27.93 2.08
N GLU C 208 8.76 -27.65 2.86
CA GLU C 208 8.16 -28.62 3.76
C GLU C 208 7.57 -29.84 3.02
N ASP C 209 7.26 -29.68 1.72
CA ASP C 209 6.70 -30.78 0.93
C ASP C 209 7.70 -31.38 -0.07
N ILE C 210 8.98 -31.00 0.01
CA ILE C 210 10.03 -31.57 -0.84
C ILE C 210 11.04 -32.31 0.03
N HIS C 211 11.15 -33.63 -0.15
CA HIS C 211 11.99 -34.45 0.71
C HIS C 211 13.28 -34.90 0.03
N ILE C 212 14.41 -34.81 0.77
CA ILE C 212 15.70 -35.34 0.32
C ILE C 212 15.98 -36.60 1.12
N ILE C 213 16.12 -37.75 0.45
CA ILE C 213 16.28 -39.03 1.14
C ILE C 213 17.59 -39.74 0.75
N TYR C 214 18.31 -40.28 1.75
CA TYR C 214 19.54 -41.03 1.52
C TYR C 214 19.26 -42.53 1.43
N ILE C 215 19.53 -43.12 0.28
CA ILE C 215 19.26 -44.54 0.04
C ILE C 215 20.57 -45.32 -0.14
N ARG C 216 20.72 -46.43 0.59
CA ARG C 216 21.92 -47.27 0.48
C ARG C 216 21.53 -48.72 0.15
N LYS C 217 22.40 -49.46 -0.55
CA LYS C 217 22.11 -50.85 -0.94
C LYS C 217 22.13 -51.81 0.27
N LYS C 218 21.44 -52.96 0.14
CA LYS C 218 21.34 -53.98 1.21
C LYS C 218 20.63 -53.43 2.45
C1 EDO D . -13.74 18.65 1.75
O1 EDO D . -13.25 19.81 2.42
C2 EDO D . -14.26 19.05 0.34
O2 EDO D . -15.55 19.63 0.44
C1 EDO E . -39.35 5.77 -5.10
O1 EDO E . -38.43 6.48 -5.91
C2 EDO E . -40.31 4.95 -5.98
O2 EDO E . -41.08 5.83 -6.79
PG ATP F . -13.04 -8.77 -9.65
O1G ATP F . -11.80 -8.11 -10.17
O2G ATP F . -13.10 -10.28 -9.96
O3G ATP F . -14.34 -8.10 -10.16
PB ATP F . -12.30 -7.75 -7.02
O1B ATP F . -10.93 -7.49 -7.50
O2B ATP F . -12.27 -8.45 -5.66
O3B ATP F . -13.09 -8.66 -8.06
PA ATP F . -12.90 -4.94 -7.55
O1A ATP F . -12.43 -5.13 -8.94
O2A ATP F . -11.82 -4.18 -6.76
O3A ATP F . -13.08 -6.36 -6.86
O5' ATP F . -14.25 -4.11 -7.44
C5' ATP F . -14.40 -2.87 -8.17
C4' ATP F . -15.60 -2.12 -7.64
O4' ATP F . -15.92 -2.57 -6.30
C3' ATP F . -15.42 -0.60 -7.54
O3' ATP F . -16.67 0.06 -7.80
C2' ATP F . -14.98 -0.41 -6.08
O2' ATP F . -15.29 0.88 -5.59
C1' ATP F . -15.83 -1.47 -5.40
N9 ATP F . -15.28 -1.98 -4.15
C8 ATP F . -14.88 -3.25 -3.88
N7 ATP F . -14.37 -3.42 -2.69
C5 ATP F . -14.45 -2.15 -2.12
C6 ATP F . -14.06 -1.66 -0.86
N6 ATP F . -13.49 -2.40 0.09
N1 ATP F . -14.28 -0.34 -0.61
C2 ATP F . -14.84 0.41 -1.57
N3 ATP F . -15.24 0.05 -2.79
C4 ATP F . -15.02 -1.26 -3.00
MG MG G . -13.73 -6.50 -11.46
C1 EDO H . 18.42 -20.64 -7.30
O1 EDO H . 19.25 -19.49 -7.23
C2 EDO H . 17.46 -20.51 -8.51
O2 EDO H . 16.76 -19.28 -8.43
N SAH I . 15.28 -34.12 -12.88
CA SAH I . 14.63 -33.21 -13.85
CB SAH I . 13.30 -33.69 -14.52
CG SAH I . 12.60 -34.75 -13.70
SD SAH I . 11.07 -35.14 -14.59
C SAH I . 14.39 -31.87 -13.13
O SAH I . 14.81 -30.80 -13.53
OXT SAH I . 13.67 -32.02 -12.05
C5' SAH I . 11.21 -36.93 -14.85
C4' SAH I . 12.39 -37.20 -15.76
O4' SAH I . 12.61 -38.63 -15.91
C3' SAH I . 12.19 -36.66 -17.19
O3' SAH I . 13.39 -36.07 -17.68
C2' SAH I . 11.78 -37.91 -17.97
O2' SAH I . 12.11 -37.82 -19.35
C1' SAH I . 12.61 -38.97 -17.27
N9 SAH I . 12.07 -40.32 -17.40
C8 SAH I . 10.77 -40.72 -17.24
N7 SAH I . 10.57 -42.00 -17.48
C5 SAH I . 11.83 -42.48 -17.81
C6 SAH I . 12.29 -43.75 -18.16
N6 SAH I . 11.51 -44.84 -18.24
N1 SAH I . 13.61 -43.88 -18.42
C2 SAH I . 14.40 -42.82 -18.34
N3 SAH I . 14.07 -41.56 -18.01
C4 SAH I . 12.76 -41.46 -17.76
C1 EDO J . 32.51 -13.59 -6.69
O1 EDO J . 32.27 -14.05 -5.37
C2 EDO J . 31.29 -12.76 -7.16
O2 EDO J . 31.45 -12.42 -8.53
#